data_5O8T
#
_entry.id   5O8T
#
_cell.length_a   74.460
_cell.length_b   74.460
_cell.length_c   186.754
_cell.angle_alpha   90.00
_cell.angle_beta   90.00
_cell.angle_gamma   120.00
#
_symmetry.space_group_name_H-M   'P 32'
#
loop_
_entity.id
_entity.type
_entity.pdbx_description
1 polymer 'Soluble acetylcholine receptor'
2 branched 2-acetamido-2-deoxy-beta-D-glucopyranose-(1-4)-2-acetamido-2-deoxy-beta-D-glucopyranose
3 non-polymer STRYCHNINE
4 non-polymer 2-acetamido-2-deoxy-beta-D-glucopyranose
5 water water
#
_entity_poly.entity_id   1
_entity_poly.type   'polypeptide(L)'
_entity_poly.pdbx_seq_one_letter_code
;MLVSVYLALLVACVGQAHSQANLMRLKSDLFNRSPMYPGPTKDDPLTVTLGFTLQDIVKVDSSTNEVDLVYYEQQRWKLN
SLMWDPNEYGNITDFRTSAADIWTPDITAYSSTRPVQVLSPQIAVVTHDGSVMFIPAQRLSFMCDPTGVDSEEGVTCAVK
FGSWVYSGFEIDLKTDTDQVDLSSYYASSKYEILSATQTRQVQHYSCCPEPYIDVNLVVKFRERRAGNGFFRNLFDENLY
FQGHHHHHH
;
_entity_poly.pdbx_strand_id   A,B,C,D,E
#
# COMPACT_ATOMS: atom_id res chain seq x y z
N GLN A 20 12.22 19.76 25.22
CA GLN A 20 12.90 19.16 24.03
C GLN A 20 14.00 18.21 24.51
N ALA A 21 14.99 18.76 25.20
CA ALA A 21 16.17 18.01 25.63
C ALA A 21 15.85 16.90 26.64
N ASN A 22 15.04 17.23 27.62
CA ASN A 22 14.55 16.26 28.62
C ASN A 22 13.71 15.16 27.97
N LEU A 23 12.76 15.55 27.13
CA LEU A 23 11.92 14.59 26.43
C LEU A 23 12.75 13.67 25.53
N MET A 24 13.68 14.25 24.78
CA MET A 24 14.60 13.47 23.96
C MET A 24 15.34 12.41 24.77
N ARG A 25 15.76 12.78 25.98
CA ARG A 25 16.51 11.89 26.85
C ARG A 25 15.63 10.76 27.38
N LEU A 26 14.41 11.11 27.80
CA LEU A 26 13.40 10.15 28.24
C LEU A 26 13.09 9.10 27.16
N LYS A 27 12.82 9.55 25.95
CA LYS A 27 12.52 8.65 24.84
C LYS A 27 13.71 7.75 24.52
N SER A 28 14.91 8.34 24.54
CA SER A 28 16.14 7.57 24.36
C SER A 28 16.31 6.49 25.43
N ASP A 29 16.07 6.85 26.69
CA ASP A 29 16.13 5.89 27.80
C ASP A 29 15.10 4.76 27.68
N LEU A 30 13.85 5.12 27.40
CA LEU A 30 12.77 4.13 27.29
C LEU A 30 12.92 3.22 26.05
N PHE A 31 13.29 3.79 24.90
CA PHE A 31 13.19 3.08 23.60
C PHE A 31 14.49 2.58 22.98
N ASN A 32 15.58 3.32 23.14
CA ASN A 32 16.89 2.94 22.58
C ASN A 32 17.74 2.10 23.56
N ARG A 33 17.64 2.40 24.85
CA ARG A 33 18.46 1.76 25.89
C ARG A 33 17.87 0.47 26.48
N SER A 34 16.76 -0.01 25.93
CA SER A 34 16.17 -1.27 26.39
C SER A 34 15.31 -1.89 25.30
N PRO A 35 15.09 -3.22 25.34
CA PRO A 35 14.24 -3.83 24.33
C PRO A 35 12.77 -3.50 24.54
N MET A 36 11.99 -3.60 23.46
CA MET A 36 10.55 -3.36 23.52
C MET A 36 9.90 -4.42 24.41
N TYR A 37 8.78 -4.06 25.04
CA TYR A 37 8.01 -5.01 25.83
C TYR A 37 7.56 -6.14 24.87
N PRO A 38 7.81 -7.40 25.27
CA PRO A 38 7.59 -8.55 24.39
C PRO A 38 6.16 -9.10 24.38
N GLY A 39 5.27 -8.46 25.13
CA GLY A 39 3.87 -8.88 25.22
C GLY A 39 3.67 -9.64 26.51
N PRO A 40 2.41 -9.84 26.91
CA PRO A 40 2.12 -10.50 28.18
C PRO A 40 2.26 -12.01 28.14
N THR A 41 2.27 -12.61 29.34
CA THR A 41 2.30 -14.07 29.54
C THR A 41 1.30 -14.47 30.63
N LYS A 42 1.11 -15.79 30.78
CA LYS A 42 0.32 -16.37 31.89
C LYS A 42 0.78 -15.81 33.25
N ASP A 43 2.09 -15.70 33.43
CA ASP A 43 2.68 -15.20 34.67
C ASP A 43 2.43 -13.71 34.89
N ASP A 44 2.52 -12.93 33.80
CA ASP A 44 2.41 -11.47 33.86
C ASP A 44 1.34 -10.96 32.88
N PRO A 45 0.06 -11.24 33.19
CA PRO A 45 -1.00 -10.83 32.27
C PRO A 45 -1.18 -9.32 32.23
N LEU A 46 -1.89 -8.86 31.21
CA LEU A 46 -2.15 -7.45 30.97
C LEU A 46 -3.62 -7.21 30.78
N THR A 47 -4.12 -6.16 31.42
CA THR A 47 -5.51 -5.75 31.22
C THR A 47 -5.51 -4.61 30.21
N VAL A 48 -6.34 -4.77 29.18
CA VAL A 48 -6.54 -3.76 28.15
C VAL A 48 -8.00 -3.32 28.24
N THR A 49 -8.21 -2.01 28.38
CA THR A 49 -9.54 -1.46 28.40
C THR A 49 -9.88 -0.92 27.01
N LEU A 50 -11.07 -1.28 26.51
CA LEU A 50 -11.59 -0.83 25.24
C LEU A 50 -12.85 0.00 25.43
N GLY A 51 -12.98 1.03 24.60
CA GLY A 51 -14.22 1.79 24.47
C GLY A 51 -14.37 2.30 23.03
N PHE A 52 -15.61 2.24 22.55
CA PHE A 52 -15.94 2.71 21.20
C PHE A 52 -16.66 4.03 21.24
N THR A 53 -16.33 4.88 20.28
CA THR A 53 -17.05 6.11 20.01
C THR A 53 -17.50 5.97 18.57
N LEU A 54 -18.80 5.76 18.39
CA LEU A 54 -19.35 5.56 17.06
C LEU A 54 -19.65 6.91 16.42
N GLN A 55 -19.07 7.14 15.26
CA GLN A 55 -19.18 8.42 14.55
C GLN A 55 -20.22 8.39 13.45
N ASP A 56 -20.32 7.28 12.73
CA ASP A 56 -21.20 7.20 11.58
C ASP A 56 -21.39 5.77 11.11
N ILE A 57 -22.63 5.45 10.73
CA ILE A 57 -22.88 4.29 9.90
C ILE A 57 -22.90 4.87 8.51
N VAL A 58 -21.86 4.57 7.74
CA VAL A 58 -21.59 5.27 6.48
C VAL A 58 -22.40 4.65 5.36
N LYS A 59 -22.36 3.32 5.29
CA LYS A 59 -23.15 2.65 4.29
C LYS A 59 -23.56 1.22 4.63
N VAL A 60 -24.54 0.77 3.86
CA VAL A 60 -25.17 -0.51 4.00
C VAL A 60 -25.17 -1.12 2.61
N ASP A 61 -24.93 -2.42 2.52
CA ASP A 61 -24.94 -3.13 1.21
C ASP A 61 -25.78 -4.40 1.36
N SER A 62 -27.01 -4.29 0.88
CA SER A 62 -27.98 -5.37 0.98
C SER A 62 -27.73 -6.49 -0.02
N SER A 63 -26.91 -6.23 -1.05
CA SER A 63 -26.52 -7.29 -1.98
C SER A 63 -25.40 -8.21 -1.43
N THR A 64 -24.61 -7.74 -0.48
CA THR A 64 -23.51 -8.53 0.11
C THR A 64 -23.61 -8.74 1.63
N ASN A 65 -24.56 -8.07 2.27
CA ASN A 65 -24.71 -8.06 3.72
C ASN A 65 -23.41 -7.63 4.40
N GLU A 66 -22.97 -6.44 4.01
CA GLU A 66 -21.82 -5.75 4.59
C GLU A 66 -22.32 -4.39 4.99
N VAL A 67 -21.91 -3.96 6.18
CA VAL A 67 -22.17 -2.61 6.67
C VAL A 67 -20.84 -1.97 7.06
N ASP A 68 -20.75 -0.66 6.83
CA ASP A 68 -19.53 0.10 7.08
C ASP A 68 -19.75 1.09 8.23
N LEU A 69 -18.90 1.02 9.26
CA LEU A 69 -18.90 1.94 10.39
C LEU A 69 -17.64 2.75 10.42
N VAL A 70 -17.75 3.95 10.97
CA VAL A 70 -16.60 4.77 11.31
C VAL A 70 -16.68 5.01 12.80
N TYR A 71 -15.59 4.73 13.50
CA TYR A 71 -15.53 4.86 14.95
C TYR A 71 -14.10 5.12 15.39
N TYR A 72 -13.98 5.57 16.64
CA TYR A 72 -12.74 5.67 17.36
C TYR A 72 -12.74 4.51 18.34
N GLU A 73 -11.64 3.76 18.39
CA GLU A 73 -11.48 2.67 19.31
C GLU A 73 -10.41 3.05 20.32
N GLN A 74 -10.82 3.42 21.52
CA GLN A 74 -9.88 3.77 22.57
C GLN A 74 -9.37 2.51 23.25
N GLN A 75 -8.05 2.40 23.34
CA GLN A 75 -7.38 1.29 23.99
C GLN A 75 -6.46 1.84 25.09
N ARG A 76 -6.51 1.25 26.28
CA ARG A 76 -5.64 1.65 27.39
C ARG A 76 -5.06 0.43 28.09
N TRP A 77 -3.79 0.54 28.44
CA TRP A 77 -3.11 -0.47 29.21
C TRP A 77 -1.95 0.19 29.97
N LYS A 78 -1.28 -0.56 30.82
CA LYS A 78 -0.24 -0.01 31.69
C LYS A 78 0.94 -0.97 31.79
N LEU A 79 2.15 -0.46 31.56
CA LEU A 79 3.39 -1.25 31.66
C LEU A 79 4.40 -0.65 32.63
N ASN A 80 4.99 -1.48 33.49
CA ASN A 80 6.06 -1.04 34.40
C ASN A 80 7.27 -0.52 33.64
N SER A 81 7.54 -1.12 32.49
CA SER A 81 8.66 -0.71 31.64
C SER A 81 8.55 0.70 31.02
N LEU A 82 7.36 1.31 31.07
CA LEU A 82 7.17 2.66 30.57
C LEU A 82 7.02 3.70 31.70
N MET A 83 7.29 3.30 32.93
CA MET A 83 7.27 4.22 34.07
C MET A 83 8.52 5.09 34.08
N TRP A 84 8.36 6.32 34.56
CA TRP A 84 9.50 7.17 34.90
C TRP A 84 9.09 8.15 35.99
N ASP A 85 10.10 8.74 36.62
CA ASP A 85 9.92 9.78 37.64
C ASP A 85 10.00 11.13 36.94
N PRO A 86 8.92 11.93 36.94
CA PRO A 86 8.96 13.27 36.32
C PRO A 86 10.13 14.18 36.77
N ASN A 87 10.50 14.10 38.05
CA ASN A 87 11.65 14.86 38.61
C ASN A 87 12.98 14.57 37.90
N GLU A 88 13.17 13.32 37.50
CA GLU A 88 14.37 12.91 36.76
C GLU A 88 14.41 13.43 35.31
N TYR A 89 13.27 13.91 34.79
CA TYR A 89 13.13 14.28 33.37
C TYR A 89 12.34 15.56 33.20
N GLY A 90 12.84 16.64 33.79
CA GLY A 90 12.31 17.98 33.58
C GLY A 90 10.84 18.21 33.88
N ASN A 91 10.32 17.46 34.84
CA ASN A 91 8.88 17.49 35.23
C ASN A 91 7.87 16.98 34.18
N ILE A 92 8.37 16.27 33.15
CA ILE A 92 7.49 15.69 32.11
C ILE A 92 6.64 14.59 32.71
N THR A 93 5.32 14.78 32.68
CA THR A 93 4.35 13.78 33.16
C THR A 93 3.78 12.88 32.04
N ASP A 94 3.85 13.34 30.79
CA ASP A 94 3.43 12.53 29.64
C ASP A 94 4.02 13.01 28.32
N PHE A 95 4.00 12.11 27.33
CA PHE A 95 4.42 12.46 25.98
C PHE A 95 3.67 11.66 24.91
N ARG A 96 3.81 12.10 23.68
CA ARG A 96 3.20 11.47 22.52
C ARG A 96 4.30 10.78 21.75
N THR A 97 4.03 9.59 21.25
CA THR A 97 5.00 8.90 20.41
C THR A 97 4.31 7.99 19.39
N SER A 98 5.02 7.75 18.28
CA SER A 98 4.58 6.81 17.28
C SER A 98 4.30 5.44 17.90
N ALA A 99 3.21 4.83 17.49
CA ALA A 99 2.82 3.50 17.96
C ALA A 99 3.83 2.41 17.60
N ALA A 100 4.67 2.65 16.60
CA ALA A 100 5.77 1.74 16.24
C ALA A 100 6.87 1.67 17.31
N ASP A 101 7.03 2.75 18.07
CA ASP A 101 8.00 2.79 19.19
C ASP A 101 7.66 1.85 20.35
N ILE A 102 6.39 1.49 20.48
CA ILE A 102 5.91 0.68 21.63
C ILE A 102 5.17 -0.57 21.19
N TRP A 103 5.01 -1.50 22.12
CA TRP A 103 4.12 -2.62 21.92
C TRP A 103 2.69 -2.10 21.93
N THR A 104 1.85 -2.70 21.09
CA THR A 104 0.40 -2.43 21.10
C THR A 104 -0.35 -3.75 21.01
N PRO A 105 -1.55 -3.81 21.60
CA PRO A 105 -2.33 -5.05 21.55
C PRO A 105 -2.91 -5.33 20.16
N ASP A 106 -3.10 -6.61 19.88
CA ASP A 106 -3.57 -7.12 18.58
C ASP A 106 -5.10 -7.28 18.52
N ILE A 107 -5.81 -6.23 18.93
CA ILE A 107 -7.25 -6.21 19.00
C ILE A 107 -7.80 -6.14 17.58
N THR A 108 -8.69 -7.06 17.23
CA THR A 108 -9.11 -7.26 15.84
C THR A 108 -10.60 -7.54 15.84
N ALA A 109 -11.30 -7.00 14.84
CA ALA A 109 -12.69 -7.37 14.61
C ALA A 109 -12.72 -8.80 14.11
N TYR A 110 -13.63 -9.61 14.64
CA TYR A 110 -13.69 -11.02 14.26
C TYR A 110 -14.39 -11.26 12.93
N SER A 111 -15.26 -10.33 12.52
CA SER A 111 -16.13 -10.56 11.37
C SER A 111 -16.05 -9.44 10.32
N SER A 112 -14.88 -8.82 10.19
CA SER A 112 -14.63 -7.90 9.10
C SER A 112 -14.63 -8.63 7.77
N THR A 113 -14.97 -7.91 6.72
CA THR A 113 -14.94 -8.43 5.35
C THR A 113 -13.88 -7.77 4.47
N ARG A 114 -13.24 -6.71 4.97
CA ARG A 114 -12.18 -5.97 4.26
C ARG A 114 -11.16 -5.58 5.30
N PRO A 115 -9.90 -5.33 4.89
CA PRO A 115 -8.97 -4.82 5.89
C PRO A 115 -9.47 -3.50 6.47
N VAL A 116 -9.34 -3.36 7.78
CA VAL A 116 -9.73 -2.16 8.46
C VAL A 116 -8.91 -0.98 7.91
N GLN A 117 -9.55 0.16 7.67
CA GLN A 117 -8.86 1.34 7.15
C GLN A 117 -8.65 2.33 8.27
N VAL A 118 -7.41 2.75 8.45
CA VAL A 118 -7.05 3.65 9.56
C VAL A 118 -7.16 5.08 9.08
N LEU A 119 -7.87 5.89 9.86
CA LEU A 119 -8.18 7.27 9.49
C LEU A 119 -7.39 8.32 10.27
N SER A 120 -6.64 7.88 11.27
CA SER A 120 -5.90 8.78 12.14
C SER A 120 -4.42 8.38 12.12
N PRO A 121 -3.52 9.29 12.50
CA PRO A 121 -2.09 8.91 12.57
C PRO A 121 -1.83 7.95 13.73
N GLN A 122 -0.86 7.06 13.55
CA GLN A 122 -0.60 6.01 14.52
C GLN A 122 0.31 6.50 15.65
N ILE A 123 -0.29 7.25 16.57
CA ILE A 123 0.42 7.92 17.67
C ILE A 123 -0.33 7.65 18.97
N ALA A 124 0.42 7.36 20.02
CA ALA A 124 -0.11 7.04 21.34
C ALA A 124 0.39 8.06 22.37
N VAL A 125 -0.32 8.16 23.49
CA VAL A 125 0.04 9.01 24.60
C VAL A 125 0.53 8.11 25.73
N VAL A 126 1.74 8.37 26.22
CA VAL A 126 2.34 7.63 27.32
C VAL A 126 2.45 8.54 28.55
N THR A 127 2.01 8.04 29.71
CA THR A 127 2.01 8.79 30.97
C THR A 127 3.05 8.19 31.93
N HIS A 128 3.57 9.02 32.83
CA HIS A 128 4.69 8.64 33.72
C HIS A 128 4.44 7.42 34.60
N ASP A 129 3.18 7.16 34.93
CA ASP A 129 2.81 5.91 35.60
C ASP A 129 2.85 4.64 34.71
N GLY A 130 3.30 4.78 33.47
CA GLY A 130 3.41 3.66 32.52
C GLY A 130 2.14 3.36 31.73
N SER A 131 1.10 4.18 31.90
CA SER A 131 -0.15 3.95 31.22
C SER A 131 -0.08 4.52 29.79
N VAL A 132 -0.72 3.82 28.87
CA VAL A 132 -0.71 4.15 27.46
C VAL A 132 -2.15 4.33 27.02
N MET A 133 -2.39 5.33 26.19
CA MET A 133 -3.70 5.55 25.61
C MET A 133 -3.46 5.63 24.11
N PHE A 134 -4.18 4.80 23.36
CA PHE A 134 -4.05 4.73 21.91
C PHE A 134 -5.46 4.70 21.35
N ILE A 135 -5.77 5.60 20.42
CA ILE A 135 -7.15 5.77 19.94
C ILE A 135 -7.23 5.88 18.42
N PRO A 136 -7.05 4.75 17.72
CA PRO A 136 -7.17 4.77 16.26
C PRO A 136 -8.61 5.00 15.79
N ALA A 137 -8.78 5.95 14.87
CA ALA A 137 -10.03 6.10 14.14
C ALA A 137 -10.00 5.11 12.99
N GLN A 138 -11.10 4.41 12.77
CA GLN A 138 -11.15 3.32 11.80
C GLN A 138 -12.43 3.33 10.98
N ARG A 139 -12.32 2.87 9.73
CA ARG A 139 -13.48 2.49 8.95
C ARG A 139 -13.46 0.98 8.75
N LEU A 140 -14.58 0.35 9.11
CA LEU A 140 -14.70 -1.10 9.16
C LEU A 140 -15.89 -1.56 8.34
N SER A 141 -15.66 -2.50 7.43
CA SER A 141 -16.73 -3.25 6.76
C SER A 141 -16.86 -4.59 7.47
N PHE A 142 -18.08 -4.92 7.90
CA PHE A 142 -18.31 -6.15 8.65
C PHE A 142 -19.64 -6.82 8.24
N MET A 143 -19.77 -8.09 8.60
CA MET A 143 -20.91 -8.91 8.21
C MET A 143 -22.17 -8.48 8.96
N CYS A 144 -23.17 -8.05 8.21
CA CYS A 144 -24.41 -7.53 8.76
C CYS A 144 -25.50 -7.56 7.69
N ASP A 145 -26.60 -8.24 8.00
CA ASP A 145 -27.82 -8.24 7.18
C ASP A 145 -28.60 -6.97 7.54
N PRO A 146 -28.72 -6.01 6.60
CA PRO A 146 -29.42 -4.77 6.86
C PRO A 146 -30.93 -4.78 6.54
N THR A 147 -31.48 -5.95 6.20
CA THR A 147 -32.92 -6.12 5.95
C THR A 147 -33.72 -5.62 7.15
N GLY A 148 -34.59 -4.65 6.89
CA GLY A 148 -35.42 -4.03 7.94
C GLY A 148 -34.90 -2.70 8.46
N VAL A 149 -33.82 -2.20 7.86
CA VAL A 149 -33.24 -0.91 8.22
C VAL A 149 -34.20 0.26 7.90
N ASP A 150 -34.98 0.10 6.84
CA ASP A 150 -35.98 1.10 6.42
C ASP A 150 -37.28 1.10 7.27
N SER A 151 -37.44 0.11 8.13
CA SER A 151 -38.57 0.01 9.05
C SER A 151 -38.38 0.83 10.32
N GLU A 152 -39.45 0.94 11.08
CA GLU A 152 -39.47 1.71 12.32
C GLU A 152 -38.73 0.97 13.43
N GLU A 153 -38.85 -0.36 13.45
CA GLU A 153 -38.10 -1.19 14.38
C GLU A 153 -36.59 -1.16 14.09
N GLY A 154 -36.23 -0.98 12.82
CA GLY A 154 -34.83 -0.91 12.41
C GLY A 154 -34.19 -2.28 12.36
N VAL A 155 -32.87 -2.30 12.44
CA VAL A 155 -32.11 -3.56 12.40
C VAL A 155 -30.99 -3.54 13.44
N THR A 156 -30.66 -4.73 13.93
CA THR A 156 -29.59 -4.91 14.90
C THR A 156 -28.46 -5.64 14.21
N CYS A 157 -27.25 -5.14 14.37
CA CYS A 157 -26.03 -5.84 13.94
C CYS A 157 -24.97 -5.85 15.02
N ALA A 158 -24.07 -6.82 14.94
CA ALA A 158 -23.09 -7.07 15.99
C ALA A 158 -21.73 -7.46 15.42
N VAL A 159 -20.67 -7.07 16.12
CA VAL A 159 -19.31 -7.44 15.75
C VAL A 159 -18.46 -7.53 17.00
N LYS A 160 -17.72 -8.62 17.14
CA LYS A 160 -16.84 -8.86 18.26
C LYS A 160 -15.43 -8.36 17.98
N PHE A 161 -14.81 -7.75 18.99
CA PHE A 161 -13.44 -7.34 18.96
C PHE A 161 -12.64 -8.04 20.05
N GLY A 162 -11.50 -8.63 19.70
CA GLY A 162 -10.62 -9.23 20.66
C GLY A 162 -9.23 -9.44 20.15
N SER A 163 -8.36 -9.90 21.04
CA SER A 163 -7.01 -10.27 20.66
C SER A 163 -7.08 -11.41 19.65
N TRP A 164 -6.24 -11.34 18.64
CA TRP A 164 -6.18 -12.38 17.64
C TRP A 164 -5.53 -13.65 18.19
N VAL A 165 -4.49 -13.52 18.99
CA VAL A 165 -3.74 -14.70 19.44
C VAL A 165 -3.45 -14.81 20.93
N TYR A 166 -3.81 -13.82 21.74
CA TYR A 166 -3.65 -13.94 23.18
C TYR A 166 -4.98 -14.39 23.79
N SER A 167 -4.90 -15.42 24.64
CA SER A 167 -6.06 -15.87 25.39
C SER A 167 -6.32 -14.97 26.60
N GLY A 168 -7.41 -15.27 27.29
CA GLY A 168 -7.77 -14.64 28.55
C GLY A 168 -6.76 -14.80 29.68
N PHE A 169 -5.87 -15.79 29.57
CA PHE A 169 -4.78 -15.94 30.52
C PHE A 169 -3.66 -14.91 30.32
N GLU A 170 -3.55 -14.33 29.13
CA GLU A 170 -2.51 -13.33 28.85
C GLU A 170 -3.06 -11.89 28.76
N ILE A 171 -4.21 -11.71 28.12
CA ILE A 171 -4.83 -10.40 27.98
C ILE A 171 -6.25 -10.49 28.51
N ASP A 172 -6.56 -9.65 29.47
CA ASP A 172 -7.94 -9.46 29.91
C ASP A 172 -8.47 -8.18 29.28
N LEU A 173 -9.62 -8.27 28.62
CA LEU A 173 -10.28 -7.11 28.10
C LEU A 173 -11.32 -6.68 29.07
N LYS A 174 -11.46 -5.37 29.26
CA LYS A 174 -12.62 -4.83 29.93
C LYS A 174 -13.12 -3.58 29.23
N THR A 175 -14.30 -3.14 29.66
CA THR A 175 -14.88 -1.88 29.24
C THR A 175 -15.03 -1.04 30.50
N ASP A 176 -14.94 0.28 30.34
CA ASP A 176 -15.27 1.22 31.43
C ASP A 176 -16.79 1.36 31.54
N THR A 177 -17.49 1.07 30.46
CA THR A 177 -18.93 1.19 30.44
C THR A 177 -19.50 0.32 29.31
N ASP A 178 -20.76 -0.09 29.48
CA ASP A 178 -21.46 -0.89 28.48
C ASP A 178 -22.11 -0.06 27.39
N GLN A 179 -22.17 1.25 27.60
CA GLN A 179 -22.71 2.18 26.60
C GLN A 179 -21.61 2.69 25.65
N VAL A 180 -21.86 2.52 24.36
CA VAL A 180 -21.03 3.09 23.31
C VAL A 180 -21.23 4.60 23.34
N ASP A 181 -20.14 5.36 23.28
CA ASP A 181 -20.23 6.81 23.25
C ASP A 181 -20.83 7.24 21.90
N LEU A 182 -21.98 7.89 21.98
CA LEU A 182 -22.67 8.41 20.81
C LEU A 182 -22.66 9.94 20.75
N SER A 183 -21.91 10.60 21.63
CA SER A 183 -21.87 12.06 21.66
C SER A 183 -21.25 12.71 20.41
N SER A 184 -20.41 11.97 19.69
CA SER A 184 -19.84 12.44 18.43
C SER A 184 -20.52 11.81 17.21
N TYR A 185 -21.68 11.19 17.38
CA TYR A 185 -22.35 10.57 16.23
C TYR A 185 -22.81 11.65 15.27
N TYR A 186 -22.61 11.42 13.99
CA TYR A 186 -22.91 12.41 12.95
C TYR A 186 -24.41 12.64 12.84
N ALA A 187 -24.82 13.86 13.17
CA ALA A 187 -26.24 14.26 13.23
C ALA A 187 -27.00 14.08 11.93
N SER A 188 -26.34 14.25 10.79
CA SER A 188 -26.99 14.07 9.49
C SER A 188 -26.60 12.77 8.77
N SER A 189 -26.22 11.75 9.52
CA SER A 189 -26.03 10.41 8.93
C SER A 189 -27.30 9.94 8.26
N LYS A 190 -27.17 9.07 7.25
CA LYS A 190 -28.33 8.40 6.68
C LYS A 190 -29.02 7.49 7.68
N TYR A 191 -28.31 7.08 8.74
CA TYR A 191 -28.85 6.15 9.72
C TYR A 191 -28.83 6.75 11.10
N GLU A 192 -29.92 6.57 11.84
CA GLU A 192 -29.99 6.99 13.23
C GLU A 192 -29.80 5.77 14.13
N ILE A 193 -29.18 6.01 15.29
CA ILE A 193 -28.86 4.95 16.23
C ILE A 193 -29.96 4.87 17.26
N LEU A 194 -30.51 3.68 17.42
CA LEU A 194 -31.52 3.38 18.44
C LEU A 194 -30.86 2.89 19.73
N SER A 195 -29.82 2.08 19.60
CA SER A 195 -28.97 1.70 20.74
C SER A 195 -27.62 1.20 20.27
N ALA A 196 -26.64 1.31 21.17
CA ALA A 196 -25.29 0.83 20.88
C ALA A 196 -24.61 0.46 22.18
N THR A 197 -24.28 -0.82 22.30
CA THR A 197 -23.67 -1.35 23.50
C THR A 197 -22.37 -2.06 23.22
N GLN A 198 -21.52 -2.12 24.23
CA GLN A 198 -20.21 -2.76 24.15
C GLN A 198 -20.05 -3.64 25.39
N THR A 199 -20.03 -4.95 25.20
CA THR A 199 -20.11 -5.89 26.31
C THR A 199 -19.03 -6.95 26.27
N ARG A 200 -18.28 -7.06 27.37
CA ARG A 200 -17.31 -8.12 27.57
C ARG A 200 -17.96 -9.51 27.52
N GLN A 201 -17.35 -10.42 26.78
CA GLN A 201 -17.80 -11.81 26.70
C GLN A 201 -16.60 -12.71 26.88
N VAL A 202 -16.83 -13.83 27.56
CA VAL A 202 -15.83 -14.90 27.64
C VAL A 202 -16.32 -16.03 26.76
N GLN A 203 -15.38 -16.62 26.04
CA GLN A 203 -15.71 -17.54 24.96
C GLN A 203 -14.76 -18.73 25.02
N HIS A 204 -15.30 -19.92 24.77
CA HIS A 204 -14.45 -21.11 24.60
C HIS A 204 -14.67 -21.69 23.22
N TYR A 205 -13.63 -22.31 22.70
CA TYR A 205 -13.63 -22.89 21.35
C TYR A 205 -13.15 -24.35 21.48
N SER A 206 -13.74 -25.21 20.65
CA SER A 206 -13.76 -26.68 20.92
C SER A 206 -12.37 -27.29 20.99
N CYS A 207 -11.52 -26.90 20.05
CA CYS A 207 -10.08 -27.31 19.97
C CYS A 207 -9.30 -27.14 21.26
N CYS A 208 -9.49 -25.99 21.91
CA CYS A 208 -8.49 -25.37 22.74
C CYS A 208 -9.01 -25.10 24.17
N PRO A 209 -8.17 -25.37 25.17
CA PRO A 209 -8.56 -25.33 26.57
C PRO A 209 -8.79 -23.92 27.16
N GLU A 210 -8.07 -22.92 26.63
CA GLU A 210 -8.01 -21.60 27.24
C GLU A 210 -9.18 -20.70 26.80
N PRO A 211 -9.65 -19.82 27.70
CA PRO A 211 -10.77 -18.93 27.34
C PRO A 211 -10.25 -17.75 26.51
N TYR A 212 -11.09 -17.22 25.64
CA TYR A 212 -10.78 -16.02 24.85
C TYR A 212 -11.79 -14.94 25.19
N ILE A 213 -11.29 -13.71 25.35
CA ILE A 213 -12.13 -12.57 25.73
C ILE A 213 -12.37 -11.71 24.49
N ASP A 214 -13.60 -11.25 24.34
CA ASP A 214 -13.94 -10.24 23.33
C ASP A 214 -14.87 -9.21 23.91
N VAL A 215 -14.98 -8.09 23.21
CA VAL A 215 -16.00 -7.09 23.46
C VAL A 215 -16.95 -7.10 22.27
N ASN A 216 -18.23 -7.31 22.54
CA ASN A 216 -19.26 -7.43 21.51
C ASN A 216 -19.92 -6.07 21.34
N LEU A 217 -19.74 -5.50 20.16
CA LEU A 217 -20.31 -4.22 19.80
C LEU A 217 -21.62 -4.52 19.11
N VAL A 218 -22.73 -4.11 19.73
CA VAL A 218 -24.08 -4.38 19.21
C VAL A 218 -24.74 -3.05 18.93
N VAL A 219 -25.15 -2.83 17.69
CA VAL A 219 -25.72 -1.59 17.24
C VAL A 219 -27.08 -1.82 16.59
N LYS A 220 -28.09 -1.11 17.09
CA LYS A 220 -29.43 -1.13 16.55
C LYS A 220 -29.64 0.20 15.85
N PHE A 221 -30.02 0.17 14.58
CA PHE A 221 -30.15 1.40 13.82
C PHE A 221 -31.25 1.32 12.77
N ARG A 222 -31.59 2.46 12.20
CA ARG A 222 -32.51 2.53 11.06
C ARG A 222 -32.28 3.77 10.23
N GLU A 223 -32.89 3.80 9.04
CA GLU A 223 -32.88 4.99 8.20
C GLU A 223 -33.54 6.18 8.92
N ARG A 224 -33.07 7.37 8.59
CA ARG A 224 -33.44 8.61 9.25
C ARG A 224 -34.82 9.09 8.75
N ARG A 225 -35.56 9.74 9.65
CA ARG A 225 -36.74 10.61 9.33
C ARG A 225 -37.68 10.01 8.29
N GLN B 20 8.49 -11.06 31.52
CA GLN B 20 9.11 -10.00 30.68
C GLN B 20 10.58 -10.33 30.43
N ALA B 21 11.35 -10.39 31.51
CA ALA B 21 12.80 -10.60 31.43
C ALA B 21 13.18 -11.98 30.86
N ASN B 22 12.49 -13.03 31.33
CA ASN B 22 12.70 -14.37 30.79
C ASN B 22 12.33 -14.47 29.32
N LEU B 23 11.14 -13.96 28.98
CA LEU B 23 10.69 -13.97 27.60
C LEU B 23 11.62 -13.18 26.69
N MET B 24 12.04 -11.99 27.13
CA MET B 24 13.02 -11.19 26.39
C MET B 24 14.30 -11.97 26.10
N ARG B 25 14.75 -12.75 27.07
CA ARG B 25 15.99 -13.54 26.93
C ARG B 25 15.80 -14.68 25.93
N LEU B 26 14.67 -15.37 26.04
CA LEU B 26 14.29 -16.44 25.11
C LEU B 26 14.24 -15.95 23.65
N LYS B 27 13.55 -14.84 23.43
CA LYS B 27 13.44 -14.26 22.08
C LYS B 27 14.80 -13.83 21.56
N SER B 28 15.61 -13.22 22.43
CA SER B 28 16.98 -12.85 22.07
C SER B 28 17.82 -14.07 21.68
N ASP B 29 17.71 -15.16 22.45
CA ASP B 29 18.41 -16.41 22.12
C ASP B 29 17.96 -17.03 20.80
N LEU B 30 16.64 -17.13 20.60
CA LEU B 30 16.09 -17.71 19.39
C LEU B 30 16.33 -16.87 18.12
N PHE B 31 16.18 -15.55 18.23
CA PHE B 31 16.11 -14.66 17.04
C PHE B 31 17.34 -13.78 16.75
N ASN B 32 18.03 -13.32 17.78
CA ASN B 32 19.24 -12.49 17.61
C ASN B 32 20.52 -13.31 17.56
N ARG B 33 20.58 -14.39 18.34
CA ARG B 33 21.80 -15.21 18.49
C ARG B 33 21.95 -16.34 17.48
N SER B 34 21.06 -16.41 16.49
CA SER B 34 21.17 -17.39 15.41
C SER B 34 20.42 -16.90 14.18
N PRO B 35 20.79 -17.41 12.98
CA PRO B 35 20.08 -16.96 11.77
C PRO B 35 18.68 -17.56 11.68
N MET B 36 17.80 -16.92 10.92
CA MET B 36 16.45 -17.41 10.69
C MET B 36 16.52 -18.74 9.93
N TYR B 37 15.53 -19.60 10.15
CA TYR B 37 15.44 -20.86 9.43
C TYR B 37 15.32 -20.53 7.94
N PRO B 38 16.15 -21.17 7.09
CA PRO B 38 16.24 -20.81 5.67
C PRO B 38 15.24 -21.53 4.78
N GLY B 39 14.37 -22.34 5.37
CA GLY B 39 13.36 -23.09 4.63
C GLY B 39 13.81 -24.52 4.47
N PRO B 40 12.90 -25.41 4.09
CA PRO B 40 13.22 -26.83 3.97
C PRO B 40 13.99 -27.20 2.71
N THR B 41 14.54 -28.42 2.71
CA THR B 41 15.22 -29.03 1.54
C THR B 41 14.79 -30.48 1.36
N LYS B 42 15.20 -31.08 0.26
CA LYS B 42 15.04 -32.53 0.00
C LYS B 42 15.51 -33.37 1.19
N ASP B 43 16.65 -33.00 1.75
CA ASP B 43 17.26 -33.70 2.90
C ASP B 43 16.46 -33.52 4.18
N ASP B 44 15.95 -32.31 4.40
CA ASP B 44 15.23 -31.96 5.65
C ASP B 44 13.86 -31.36 5.34
N PRO B 45 12.92 -32.20 4.85
CA PRO B 45 11.61 -31.69 4.49
C PRO B 45 10.79 -31.28 5.71
N LEU B 46 9.74 -30.51 5.45
CA LEU B 46 8.87 -29.96 6.49
C LEU B 46 7.42 -30.28 6.17
N THR B 47 6.70 -30.72 7.19
CA THR B 47 5.27 -30.96 7.06
C THR B 47 4.53 -29.73 7.60
N VAL B 48 3.62 -29.21 6.80
CA VAL B 48 2.77 -28.10 7.17
C VAL B 48 1.33 -28.61 7.17
N THR B 49 0.62 -28.41 8.27
CA THR B 49 -0.77 -28.79 8.38
C THR B 49 -1.64 -27.55 8.15
N LEU B 50 -2.64 -27.70 7.28
CA LEU B 50 -3.58 -26.65 6.93
C LEU B 50 -5.00 -27.01 7.34
N GLY B 51 -5.75 -26.00 7.79
CA GLY B 51 -7.17 -26.15 8.09
C GLY B 51 -7.90 -24.84 7.90
N PHE B 52 -9.07 -24.88 7.28
CA PHE B 52 -9.87 -23.71 6.97
C PHE B 52 -11.08 -23.60 7.87
N THR B 53 -11.40 -22.35 8.23
CA THR B 53 -12.62 -22.00 8.92
C THR B 53 -13.30 -21.00 8.01
N LEU B 54 -14.39 -21.41 7.37
CA LEU B 54 -15.09 -20.56 6.42
C LEU B 54 -16.09 -19.68 7.18
N GLN B 55 -15.95 -18.38 7.02
CA GLN B 55 -16.77 -17.39 7.73
C GLN B 55 -17.91 -16.84 6.89
N ASP B 56 -17.68 -16.64 5.60
CA ASP B 56 -18.68 -16.00 4.75
C ASP B 56 -18.33 -16.15 3.27
N ILE B 57 -19.34 -16.42 2.46
CA ILE B 57 -19.26 -16.20 1.03
C ILE B 57 -19.87 -14.82 0.87
N VAL B 58 -19.03 -13.83 0.58
CA VAL B 58 -19.41 -12.43 0.65
C VAL B 58 -20.09 -12.01 -0.63
N LYS B 59 -19.50 -12.38 -1.75
CA LYS B 59 -20.14 -12.08 -3.02
C LYS B 59 -19.76 -12.99 -4.17
N VAL B 60 -20.58 -12.89 -5.20
CA VAL B 60 -20.53 -13.71 -6.38
C VAL B 60 -20.64 -12.72 -7.54
N ASP B 61 -19.86 -12.94 -8.60
CA ASP B 61 -19.90 -12.09 -9.78
C ASP B 61 -20.01 -12.97 -11.03
N SER B 62 -21.23 -13.04 -11.54
CA SER B 62 -21.57 -13.87 -12.70
C SER B 62 -21.09 -13.26 -14.01
N SER B 63 -20.75 -11.96 -14.01
CA SER B 63 -20.18 -11.33 -15.20
C SER B 63 -18.67 -11.62 -15.38
N THR B 64 -17.97 -11.96 -14.30
CA THR B 64 -16.52 -12.27 -14.36
C THR B 64 -16.13 -13.67 -13.86
N ASN B 65 -17.11 -14.39 -13.32
CA ASN B 65 -16.88 -15.69 -12.69
C ASN B 65 -15.79 -15.61 -11.62
N GLU B 66 -16.05 -14.73 -10.67
CA GLU B 66 -15.22 -14.53 -9.49
C GLU B 66 -16.14 -14.63 -8.29
N VAL B 67 -15.67 -15.33 -7.27
CA VAL B 67 -16.38 -15.44 -6.00
C VAL B 67 -15.42 -15.02 -4.89
N ASP B 68 -15.96 -14.37 -3.86
CA ASP B 68 -15.20 -13.84 -2.74
C ASP B 68 -15.56 -14.57 -1.44
N LEU B 69 -14.54 -15.14 -0.78
CA LEU B 69 -14.66 -15.81 0.50
C LEU B 69 -13.92 -15.07 1.58
N VAL B 70 -14.40 -15.21 2.80
CA VAL B 70 -13.67 -14.79 3.99
C VAL B 70 -13.50 -16.03 4.85
N TYR B 71 -12.26 -16.30 5.26
CA TYR B 71 -11.93 -17.48 6.03
C TYR B 71 -10.69 -17.23 6.88
N TYR B 72 -10.50 -18.12 7.85
CA TYR B 72 -9.28 -18.22 8.63
C TYR B 72 -8.55 -19.44 8.10
N GLU B 73 -7.26 -19.29 7.83
CA GLU B 73 -6.42 -20.39 7.35
C GLU B 73 -5.41 -20.71 8.45
N GLN B 74 -5.64 -21.79 9.17
CA GLN B 74 -4.70 -22.22 10.20
C GLN B 74 -3.55 -23.00 9.56
N GLN B 75 -2.34 -22.61 9.90
CA GLN B 75 -1.11 -23.25 9.43
C GLN B 75 -0.29 -23.68 10.64
N ARG B 76 0.22 -24.91 10.63
CA ARG B 76 1.06 -25.43 11.72
CA ARG B 76 1.06 -25.42 11.72
C ARG B 76 2.25 -26.18 11.15
N TRP B 77 3.40 -25.97 11.77
CA TRP B 77 4.61 -26.70 11.43
C TRP B 77 5.51 -26.71 12.65
N LYS B 78 6.61 -27.44 12.57
CA LYS B 78 7.50 -27.64 13.72
C LYS B 78 8.96 -27.57 13.30
N LEU B 79 9.74 -26.75 14.01
CA LEU B 79 11.18 -26.61 13.77
C LEU B 79 12.03 -26.89 15.00
N ASN B 80 13.08 -27.67 14.83
CA ASN B 80 14.06 -27.94 15.92
C ASN B 80 14.70 -26.66 16.42
N SER B 81 14.93 -25.71 15.51
CA SER B 81 15.53 -24.43 15.84
C SER B 81 14.69 -23.52 16.75
N LEU B 82 13.41 -23.83 16.92
CA LEU B 82 12.54 -23.07 17.82
C LEU B 82 12.24 -23.80 19.12
N MET B 83 12.92 -24.91 19.39
CA MET B 83 12.77 -25.63 20.65
C MET B 83 13.49 -24.91 21.79
N TRP B 84 12.94 -25.02 22.99
CA TRP B 84 13.64 -24.63 24.21
C TRP B 84 13.10 -25.45 25.38
N ASP B 85 13.86 -25.44 26.47
CA ASP B 85 13.49 -26.08 27.73
C ASP B 85 12.82 -25.00 28.61
N PRO B 86 11.52 -25.18 28.94
CA PRO B 86 10.84 -24.21 29.83
C PRO B 86 11.56 -23.89 31.15
N ASN B 87 12.20 -24.90 31.76
CA ASN B 87 12.98 -24.73 33.01
C ASN B 87 14.10 -23.70 32.88
N GLU B 88 14.75 -23.65 31.72
CA GLU B 88 15.79 -22.67 31.45
C GLU B 88 15.28 -21.22 31.27
N TYR B 89 13.96 -21.05 31.09
CA TYR B 89 13.37 -19.75 30.75
C TYR B 89 12.08 -19.48 31.52
N GLY B 90 12.19 -19.51 32.84
CA GLY B 90 11.09 -19.12 33.74
C GLY B 90 9.79 -19.89 33.60
N ASN B 91 9.86 -21.15 33.18
CA ASN B 91 8.69 -22.00 32.91
C ASN B 91 7.79 -21.59 31.72
N ILE B 92 8.31 -20.72 30.84
CA ILE B 92 7.59 -20.31 29.62
C ILE B 92 7.45 -21.51 28.68
N THR B 93 6.22 -21.92 28.42
CA THR B 93 5.91 -23.01 27.47
C THR B 93 5.53 -22.53 26.06
N ASP B 94 5.11 -21.27 25.94
CA ASP B 94 4.83 -20.67 24.64
C ASP B 94 4.84 -19.13 24.65
N PHE B 95 5.00 -18.55 23.48
CA PHE B 95 4.91 -17.09 23.33
C PHE B 95 4.36 -16.68 21.97
N ARG B 96 4.00 -15.41 21.88
CA ARG B 96 3.46 -14.82 20.65
C ARG B 96 4.54 -13.95 20.08
N THR B 97 4.68 -13.97 18.76
CA THR B 97 5.64 -13.10 18.10
C THR B 97 5.17 -12.73 16.69
N SER B 98 5.65 -11.58 16.23
CA SER B 98 5.40 -11.12 14.87
C SER B 98 5.86 -12.19 13.87
N ALA B 99 5.06 -12.42 12.85
CA ALA B 99 5.40 -13.39 11.81
C ALA B 99 6.68 -13.03 11.02
N ALA B 100 7.07 -11.76 11.06
CA ALA B 100 8.33 -11.31 10.45
C ALA B 100 9.58 -11.83 11.18
N ASP B 101 9.44 -12.10 12.47
CA ASP B 101 10.55 -12.69 13.26
C ASP B 101 10.91 -14.12 12.89
N ILE B 102 10.00 -14.84 12.23
CA ILE B 102 10.19 -16.25 11.90
C ILE B 102 9.97 -16.53 10.42
N TRP B 103 10.47 -17.68 9.98
CA TRP B 103 10.11 -18.21 8.67
C TRP B 103 8.63 -18.61 8.68
N THR B 104 7.96 -18.38 7.56
CA THR B 104 6.59 -18.86 7.36
C THR B 104 6.48 -19.48 5.96
N PRO B 105 5.60 -20.47 5.80
CA PRO B 105 5.45 -21.10 4.49
C PRO B 105 4.74 -20.20 3.47
N ASP B 106 5.07 -20.42 2.20
CA ASP B 106 4.54 -19.66 1.07
C ASP B 106 3.25 -20.28 0.46
N ILE B 107 2.29 -20.58 1.33
CA ILE B 107 1.04 -21.20 0.94
C ILE B 107 0.18 -20.18 0.21
N THR B 108 -0.27 -20.54 -0.98
CA THR B 108 -0.88 -19.58 -1.90
C THR B 108 -2.06 -20.25 -2.58
N ALA B 109 -3.14 -19.50 -2.77
CA ALA B 109 -4.26 -19.97 -3.58
C ALA B 109 -3.79 -20.02 -5.03
N TYR B 110 -4.09 -21.09 -5.74
CA TYR B 110 -3.62 -21.26 -7.12
C TYR B 110 -4.43 -20.47 -8.14
N SER B 111 -5.69 -20.16 -7.81
CA SER B 111 -6.60 -19.54 -8.75
C SER B 111 -7.23 -18.25 -8.24
N SER B 112 -6.48 -17.49 -7.44
CA SER B 112 -6.95 -16.14 -7.04
C SER B 112 -6.96 -15.22 -8.26
N THR B 113 -7.84 -14.23 -8.22
CA THR B 113 -7.93 -13.21 -9.27
C THR B 113 -7.52 -11.82 -8.80
N ARG B 114 -7.32 -11.65 -7.50
CA ARG B 114 -6.92 -10.38 -6.86
C ARG B 114 -5.95 -10.74 -5.77
N PRO B 115 -5.07 -9.80 -5.36
CA PRO B 115 -4.23 -10.13 -4.21
C PRO B 115 -5.09 -10.43 -2.98
N VAL B 116 -4.74 -11.48 -2.26
CA VAL B 116 -5.40 -11.83 -1.06
C VAL B 116 -5.31 -10.67 -0.05
N GLN B 117 -6.41 -10.36 0.63
CA GLN B 117 -6.42 -9.27 1.60
C GLN B 117 -6.40 -9.87 3.00
N VAL B 118 -5.43 -9.40 3.81
CA VAL B 118 -5.26 -9.93 5.16
C VAL B 118 -6.09 -9.11 6.14
N LEU B 119 -6.87 -9.80 6.95
CA LEU B 119 -7.82 -9.16 7.87
C LEU B 119 -7.39 -9.19 9.34
N SER B 120 -6.32 -9.92 9.64
CA SER B 120 -5.87 -10.10 11.01
C SER B 120 -4.40 -9.68 11.12
N PRO B 121 -3.93 -9.39 12.33
CA PRO B 121 -2.51 -9.01 12.49
C PRO B 121 -1.58 -10.20 12.28
N GLN B 122 -0.39 -9.94 11.75
CA GLN B 122 0.53 -11.01 11.38
C GLN B 122 1.36 -11.42 12.61
N ILE B 123 0.74 -12.23 13.47
CA ILE B 123 1.35 -12.73 14.71
C ILE B 123 1.14 -14.24 14.80
N ALA B 124 2.17 -14.95 15.23
CA ALA B 124 2.16 -16.39 15.37
C ALA B 124 2.40 -16.80 16.83
N VAL B 125 1.99 -18.01 17.17
CA VAL B 125 2.22 -18.58 18.49
C VAL B 125 3.27 -19.66 18.35
N VAL B 126 4.34 -19.56 19.15
CA VAL B 126 5.42 -20.53 19.16
C VAL B 126 5.43 -21.29 20.49
N THR B 127 5.53 -22.62 20.43
CA THR B 127 5.51 -23.51 21.59
C THR B 127 6.89 -24.14 21.81
N HIS B 128 7.19 -24.48 23.06
CA HIS B 128 8.54 -24.95 23.47
C HIS B 128 9.05 -26.19 22.71
N ASP B 129 8.13 -27.02 22.24
CA ASP B 129 8.49 -28.14 21.35
C ASP B 129 8.88 -27.72 19.91
N GLY B 130 8.94 -26.42 19.64
CA GLY B 130 9.29 -25.89 18.33
C GLY B 130 8.13 -25.77 17.34
N SER B 131 6.91 -26.06 17.78
CA SER B 131 5.75 -25.98 16.92
C SER B 131 5.23 -24.54 16.84
N VAL B 132 4.76 -24.18 15.65
CA VAL B 132 4.29 -22.84 15.35
C VAL B 132 2.85 -22.96 14.86
N MET B 133 2.02 -22.03 15.29
CA MET B 133 0.64 -21.94 14.83
C MET B 133 0.47 -20.51 14.34
N PHE B 134 0.02 -20.38 13.10
CA PHE B 134 -0.19 -19.09 12.45
C PHE B 134 -1.54 -19.16 11.75
N ILE B 135 -2.42 -18.19 12.01
CA ILE B 135 -3.80 -18.27 11.54
C ILE B 135 -4.30 -16.95 10.93
N PRO B 136 -3.81 -16.63 9.72
CA PRO B 136 -4.29 -15.42 9.06
C PRO B 136 -5.75 -15.49 8.60
N ALA B 137 -6.53 -14.47 8.96
CA ALA B 137 -7.86 -14.27 8.38
C ALA B 137 -7.66 -13.58 7.04
N GLN B 138 -8.38 -14.04 6.01
CA GLN B 138 -8.18 -13.55 4.66
C GLN B 138 -9.50 -13.33 3.92
N ARG B 139 -9.52 -12.34 3.02
CA ARG B 139 -10.53 -12.26 1.99
C ARG B 139 -9.92 -12.56 0.62
N LEU B 140 -10.51 -13.50 -0.10
CA LEU B 140 -9.97 -14.05 -1.32
C LEU B 140 -11.01 -13.99 -2.43
N SER B 141 -10.62 -13.42 -3.57
CA SER B 141 -11.39 -13.51 -4.83
C SER B 141 -10.74 -14.60 -5.67
N PHE B 142 -11.53 -15.56 -6.13
CA PHE B 142 -11.01 -16.69 -6.89
C PHE B 142 -11.95 -17.08 -8.04
N MET B 143 -11.41 -17.85 -8.99
CA MET B 143 -12.13 -18.23 -10.21
C MET B 143 -13.20 -19.26 -9.88
N CYS B 144 -14.44 -18.88 -10.16
CA CYS B 144 -15.60 -19.71 -9.86
C CYS B 144 -16.78 -19.27 -10.72
N ASP B 145 -17.32 -20.21 -11.51
CA ASP B 145 -18.57 -20.01 -12.26
C ASP B 145 -19.72 -20.25 -11.29
N PRO B 146 -20.49 -19.20 -10.94
CA PRO B 146 -21.59 -19.33 -10.00
C PRO B 146 -22.95 -19.69 -10.61
N THR B 147 -22.97 -20.02 -11.91
CA THR B 147 -24.17 -20.52 -12.59
C THR B 147 -24.81 -21.67 -11.82
N GLY B 148 -26.06 -21.49 -11.42
CA GLY B 148 -26.81 -22.47 -10.63
C GLY B 148 -26.85 -22.19 -9.14
N VAL B 149 -26.27 -21.07 -8.70
CA VAL B 149 -26.28 -20.69 -7.27
C VAL B 149 -27.69 -20.39 -6.76
N ASP B 150 -28.54 -19.88 -7.65
CA ASP B 150 -29.95 -19.58 -7.35
C ASP B 150 -30.88 -20.82 -7.33
N SER B 151 -30.36 -21.97 -7.76
CA SER B 151 -31.10 -23.24 -7.71
C SER B 151 -30.99 -23.94 -6.37
N GLU B 152 -31.80 -24.98 -6.21
CA GLU B 152 -31.87 -25.76 -4.98
C GLU B 152 -30.63 -26.64 -4.84
N GLU B 153 -30.15 -27.19 -5.95
CA GLU B 153 -28.91 -27.96 -5.97
C GLU B 153 -27.67 -27.08 -5.65
N GLY B 154 -27.75 -25.81 -6.02
CA GLY B 154 -26.68 -24.86 -5.74
C GLY B 154 -25.53 -25.04 -6.71
N VAL B 155 -24.36 -24.56 -6.31
CA VAL B 155 -23.17 -24.63 -7.15
C VAL B 155 -21.96 -25.07 -6.31
N THR B 156 -21.04 -25.75 -6.97
CA THR B 156 -19.81 -26.21 -6.36
C THR B 156 -18.68 -25.39 -6.96
N CYS B 157 -17.83 -24.87 -6.09
CA CYS B 157 -16.59 -24.22 -6.50
C CYS B 157 -15.40 -24.72 -5.68
N ALA B 158 -14.24 -24.62 -6.29
CA ALA B 158 -13.03 -25.22 -5.74
C ALA B 158 -11.83 -24.29 -5.93
N VAL B 159 -10.93 -24.32 -4.96
CA VAL B 159 -9.67 -23.59 -5.05
C VAL B 159 -8.60 -24.37 -4.30
N LYS B 160 -7.47 -24.55 -4.97
CA LYS B 160 -6.33 -25.25 -4.41
C LYS B 160 -5.38 -24.29 -3.72
N PHE B 161 -4.87 -24.73 -2.57
CA PHE B 161 -3.84 -24.02 -1.82
C PHE B 161 -2.59 -24.88 -1.71
N GLY B 162 -1.44 -24.29 -2.02
CA GLY B 162 -0.18 -24.97 -1.85
C GLY B 162 1.00 -24.00 -1.85
N SER B 163 2.18 -24.56 -1.61
CA SER B 163 3.41 -23.81 -1.73
C SER B 163 3.57 -23.31 -3.17
N TRP B 164 3.99 -22.07 -3.30
CA TRP B 164 4.24 -21.50 -4.61
C TRP B 164 5.49 -22.12 -5.26
N VAL B 165 6.55 -22.34 -4.49
CA VAL B 165 7.81 -22.79 -5.09
C VAL B 165 8.48 -24.01 -4.47
N TYR B 166 7.94 -24.55 -3.38
CA TYR B 166 8.46 -25.79 -2.82
C TYR B 166 7.62 -26.95 -3.35
N SER B 167 8.30 -27.98 -3.85
CA SER B 167 7.66 -29.23 -4.24
C SER B 167 7.35 -30.10 -3.04
N GLY B 168 6.68 -31.22 -3.31
CA GLY B 168 6.41 -32.26 -2.33
C GLY B 168 7.65 -32.90 -1.69
N PHE B 169 8.80 -32.76 -2.34
CA PHE B 169 10.07 -33.20 -1.76
C PHE B 169 10.56 -32.29 -0.63
N GLU B 170 10.13 -31.02 -0.61
CA GLU B 170 10.53 -30.07 0.43
C GLU B 170 9.42 -29.76 1.46
N ILE B 171 8.19 -29.60 0.99
CA ILE B 171 7.05 -29.32 1.88
C ILE B 171 5.98 -30.36 1.63
N ASP B 172 5.58 -31.04 2.67
CA ASP B 172 4.41 -31.91 2.63
C ASP B 172 3.26 -31.20 3.32
N LEU B 173 2.14 -31.13 2.66
CA LEU B 173 0.91 -30.60 3.24
C LEU B 173 0.08 -31.72 3.76
N LYS B 174 -0.53 -31.53 4.91
CA LYS B 174 -1.63 -32.38 5.33
C LYS B 174 -2.77 -31.58 5.94
N THR B 175 -3.88 -32.27 6.18
CA THR B 175 -5.02 -31.71 6.90
C THR B 175 -5.20 -32.60 8.14
N ASP B 176 -5.71 -32.01 9.21
CA ASP B 176 -6.13 -32.78 10.40
C ASP B 176 -7.50 -33.40 10.15
N THR B 177 -8.25 -32.83 9.23
CA THR B 177 -9.58 -33.32 8.92
C THR B 177 -9.98 -32.85 7.52
N ASP B 178 -10.87 -33.62 6.88
CA ASP B 178 -11.38 -33.28 5.57
C ASP B 178 -12.57 -32.32 5.62
N GLN B 179 -13.11 -32.09 6.80
CA GLN B 179 -14.22 -31.16 6.98
C GLN B 179 -13.72 -29.73 7.31
N VAL B 180 -14.19 -28.77 6.49
CA VAL B 180 -13.97 -27.37 6.75
C VAL B 180 -14.81 -26.99 7.96
N ASP B 181 -14.22 -26.26 8.89
CA ASP B 181 -14.94 -25.79 10.07
C ASP B 181 -15.96 -24.72 9.63
N LEU B 182 -17.24 -25.03 9.85
CA LEU B 182 -18.33 -24.14 9.54
C LEU B 182 -19.01 -23.55 10.77
N SER B 183 -18.46 -23.77 11.95
CA SER B 183 -19.09 -23.31 13.19
C SER B 183 -19.14 -21.77 13.34
N SER B 184 -18.24 -21.06 12.66
CA SER B 184 -18.28 -19.59 12.65
C SER B 184 -18.84 -19.03 11.35
N TYR B 185 -19.53 -19.84 10.55
CA TYR B 185 -20.12 -19.34 9.32
C TYR B 185 -21.21 -18.33 9.63
N TYR B 186 -21.22 -17.22 8.91
CA TYR B 186 -22.15 -16.13 9.16
C TYR B 186 -23.60 -16.56 8.85
N ALA B 187 -24.42 -16.60 9.89
CA ALA B 187 -25.81 -17.10 9.80
C ALA B 187 -26.69 -16.34 8.82
N SER B 188 -26.45 -15.04 8.65
CA SER B 188 -27.24 -14.24 7.71
C SER B 188 -26.49 -13.88 6.41
N SER B 189 -25.54 -14.72 6.01
CA SER B 189 -24.90 -14.58 4.70
C SER B 189 -25.95 -14.65 3.59
N LYS B 190 -25.68 -14.03 2.46
CA LYS B 190 -26.54 -14.21 1.28
C LYS B 190 -26.50 -15.65 0.77
N TYR B 191 -25.45 -16.41 1.13
CA TYR B 191 -25.28 -17.77 0.64
C TYR B 191 -25.20 -18.75 1.78
N GLU B 192 -25.90 -19.87 1.63
CA GLU B 192 -25.83 -20.94 2.61
C GLU B 192 -24.93 -22.05 2.08
N ILE B 193 -24.23 -22.70 3.00
CA ILE B 193 -23.28 -23.73 2.68
C ILE B 193 -23.95 -25.08 2.78
N LEU B 194 -23.87 -25.84 1.70
CA LEU B 194 -24.37 -27.21 1.63
C LEU B 194 -23.28 -28.21 2.02
N SER B 195 -22.04 -27.94 1.60
CA SER B 195 -20.89 -28.71 2.06
C SER B 195 -19.59 -27.96 1.84
N ALA B 196 -18.58 -28.30 2.62
CA ALA B 196 -17.27 -27.70 2.48
C ALA B 196 -16.21 -28.67 2.96
N THR B 197 -15.34 -29.06 2.04
CA THR B 197 -14.31 -30.03 2.31
C THR B 197 -12.93 -29.50 1.95
N GLN B 198 -11.92 -30.06 2.61
CA GLN B 198 -10.52 -29.70 2.42
C GLN B 198 -9.70 -30.97 2.29
N THR B 199 -9.18 -31.22 1.10
CA THR B 199 -8.57 -32.52 0.78
C THR B 199 -7.18 -32.39 0.17
N ARG B 200 -6.22 -33.08 0.78
CA ARG B 200 -4.86 -33.21 0.24
C ARG B 200 -4.89 -33.89 -1.14
N GLN B 201 -4.15 -33.32 -2.08
CA GLN B 201 -3.99 -33.86 -3.41
C GLN B 201 -2.51 -33.85 -3.75
N VAL B 202 -2.07 -34.89 -4.45
CA VAL B 202 -0.75 -34.91 -5.06
C VAL B 202 -0.95 -34.69 -6.56
N GLN B 203 -0.08 -33.88 -7.13
CA GLN B 203 -0.26 -33.40 -8.48
C GLN B 203 1.07 -33.46 -9.19
N HIS B 204 1.01 -33.86 -10.46
CA HIS B 204 2.15 -33.72 -11.38
C HIS B 204 1.70 -32.82 -12.53
N TYR B 205 2.68 -32.12 -13.10
CA TYR B 205 2.41 -31.15 -14.15
C TYR B 205 3.26 -31.49 -15.35
N SER B 206 2.82 -31.11 -16.55
CA SER B 206 3.67 -31.10 -17.76
C SER B 206 4.97 -30.30 -17.58
N CYS B 207 4.88 -29.12 -16.95
CA CYS B 207 6.05 -28.27 -16.63
C CYS B 207 7.19 -28.99 -15.89
N CYS B 208 6.80 -29.74 -14.88
CA CYS B 208 7.69 -30.02 -13.75
C CYS B 208 7.78 -31.48 -13.42
N PRO B 209 8.98 -32.03 -13.23
CA PRO B 209 9.15 -33.48 -12.91
C PRO B 209 8.78 -33.90 -11.50
N GLU B 210 8.90 -33.00 -10.55
CA GLU B 210 8.70 -33.31 -9.09
C GLU B 210 7.20 -33.14 -8.74
N PRO B 211 6.70 -33.89 -7.75
CA PRO B 211 5.29 -33.76 -7.38
C PRO B 211 5.01 -32.49 -6.56
N TYR B 212 3.81 -31.94 -6.70
CA TYR B 212 3.37 -30.80 -5.93
C TYR B 212 2.17 -31.20 -5.11
N ILE B 213 2.16 -30.76 -3.85
CA ILE B 213 1.06 -31.06 -2.92
C ILE B 213 0.20 -29.80 -2.78
N ASP B 214 -1.12 -30.00 -2.81
CA ASP B 214 -2.04 -28.94 -2.52
C ASP B 214 -3.16 -29.46 -1.63
N VAL B 215 -3.89 -28.54 -1.03
CA VAL B 215 -5.14 -28.84 -0.34
C VAL B 215 -6.24 -28.18 -1.17
N ASN B 216 -7.22 -28.99 -1.58
CA ASN B 216 -8.30 -28.54 -2.41
C ASN B 216 -9.49 -28.20 -1.53
N LEU B 217 -9.85 -26.92 -1.52
CA LEU B 217 -10.98 -26.43 -0.77
C LEU B 217 -12.16 -26.44 -1.73
N VAL B 218 -13.16 -27.27 -1.43
CA VAL B 218 -14.32 -27.47 -2.29
C VAL B 218 -15.54 -27.05 -1.49
N VAL B 219 -16.28 -26.09 -2.01
CA VAL B 219 -17.42 -25.51 -1.33
C VAL B 219 -18.65 -25.58 -2.24
N LYS B 220 -19.71 -26.19 -1.71
CA LYS B 220 -21.00 -26.29 -2.39
C LYS B 220 -21.92 -25.32 -1.67
N PHE B 221 -22.53 -24.38 -2.40
CA PHE B 221 -23.36 -23.38 -1.79
C PHE B 221 -24.51 -22.93 -2.69
N ARG B 222 -25.45 -22.18 -2.10
CA ARG B 222 -26.53 -21.57 -2.87
C ARG B 222 -27.07 -20.35 -2.17
N GLU B 223 -27.89 -19.58 -2.90
CA GLU B 223 -28.59 -18.44 -2.31
C GLU B 223 -29.55 -18.89 -1.21
N ARG B 224 -29.82 -17.97 -0.27
CA ARG B 224 -30.64 -18.25 0.89
C ARG B 224 -32.07 -17.85 0.54
N GLN C 20 19.74 -27.37 6.86
CA GLN C 20 19.59 -26.08 7.60
C GLN C 20 20.96 -25.38 7.67
N ALA C 21 21.92 -26.04 8.31
CA ALA C 21 23.25 -25.47 8.55
C ALA C 21 24.03 -25.23 7.25
N ASN C 22 24.00 -26.21 6.34
CA ASN C 22 24.64 -26.07 5.05
C ASN C 22 24.00 -24.95 4.21
N LEU C 23 22.68 -24.97 4.14
CA LEU C 23 21.95 -23.94 3.40
C LEU C 23 22.19 -22.55 3.97
N MET C 24 22.15 -22.43 5.29
CA MET C 24 22.47 -21.16 5.96
C MET C 24 23.85 -20.63 5.56
N ARG C 25 24.82 -21.54 5.44
CA ARG C 25 26.20 -21.16 5.10
C ARG C 25 26.29 -20.71 3.64
N LEU C 26 25.64 -21.47 2.76
CA LEU C 26 25.54 -21.12 1.34
C LEU C 26 24.93 -19.73 1.11
N LYS C 27 23.80 -19.46 1.75
CA LYS C 27 23.14 -18.16 1.63
C LYS C 27 24.00 -17.04 2.17
N SER C 28 24.66 -17.29 3.30
CA SER C 28 25.61 -16.34 3.87
C SER C 28 26.76 -16.03 2.90
N ASP C 29 27.32 -17.07 2.28
CA ASP C 29 28.39 -16.90 1.29
C ASP C 29 27.93 -16.12 0.05
N LEU C 30 26.78 -16.50 -0.50
CA LEU C 30 26.24 -15.84 -1.69
C LEU C 30 25.79 -14.39 -1.46
N PHE C 31 25.12 -14.14 -0.33
CA PHE C 31 24.40 -12.86 -0.13
C PHE C 31 25.02 -11.86 0.85
N ASN C 32 25.68 -12.34 1.91
CA ASN C 32 26.32 -11.45 2.89
C ASN C 32 27.77 -11.14 2.56
N ARG C 33 28.47 -12.12 1.98
CA ARG C 33 29.90 -12.00 1.66
C ARG C 33 30.21 -11.39 0.29
N SER C 34 29.20 -10.92 -0.44
CA SER C 34 29.45 -10.27 -1.74
C SER C 34 28.28 -9.38 -2.14
N PRO C 35 28.54 -8.35 -2.99
CA PRO C 35 27.46 -7.45 -3.36
C PRO C 35 26.49 -8.09 -4.35
N MET C 36 25.27 -7.56 -4.40
CA MET C 36 24.25 -8.01 -5.35
C MET C 36 24.73 -7.72 -6.79
N TYR C 37 24.29 -8.55 -7.72
CA TYR C 37 24.60 -8.36 -9.13
C TYR C 37 24.00 -7.00 -9.56
N PRO C 38 24.79 -6.14 -10.21
CA PRO C 38 24.36 -4.78 -10.55
C PRO C 38 23.57 -4.65 -11.86
N GLY C 39 23.33 -5.76 -12.53
CA GLY C 39 22.60 -5.76 -13.80
C GLY C 39 23.60 -5.87 -14.95
N PRO C 40 23.12 -6.22 -16.15
CA PRO C 40 24.01 -6.43 -17.29
C PRO C 40 24.51 -5.14 -17.95
N THR C 41 25.51 -5.30 -18.82
CA THR C 41 26.07 -4.22 -19.66
C THR C 41 26.28 -4.69 -21.11
N LYS C 42 26.62 -3.75 -21.99
CA LYS C 42 27.02 -4.05 -23.38
C LYS C 42 28.09 -5.14 -23.43
N ASP C 43 29.08 -5.04 -22.54
CA ASP C 43 30.19 -5.99 -22.45
C ASP C 43 29.75 -7.36 -21.96
N ASP C 44 28.86 -7.39 -20.98
CA ASP C 44 28.41 -8.63 -20.33
C ASP C 44 26.88 -8.74 -20.36
N PRO C 45 26.32 -8.97 -21.55
CA PRO C 45 24.86 -9.04 -21.67
C PRO C 45 24.27 -10.28 -21.00
N LEU C 46 22.96 -10.25 -20.79
CA LEU C 46 22.23 -11.30 -20.09
C LEU C 46 21.06 -11.72 -20.95
N THR C 47 20.86 -13.03 -21.07
CA THR C 47 19.68 -13.55 -21.74
C THR C 47 18.64 -13.88 -20.65
N VAL C 48 17.43 -13.36 -20.86
CA VAL C 48 16.30 -13.63 -19.99
C VAL C 48 15.26 -14.33 -20.84
N THR C 49 14.81 -15.49 -20.38
CA THR C 49 13.78 -16.25 -21.07
C THR C 49 12.44 -15.98 -20.38
N LEU C 50 11.41 -15.68 -21.17
CA LEU C 50 10.06 -15.46 -20.72
C LEU C 50 9.11 -16.47 -21.28
N GLY C 51 8.13 -16.86 -20.47
CA GLY C 51 7.01 -17.70 -20.91
C GLY C 51 5.77 -17.38 -20.09
N PHE C 52 4.63 -17.33 -20.76
CA PHE C 52 3.35 -17.03 -20.13
C PHE C 52 2.52 -18.30 -20.01
N THR C 53 1.83 -18.39 -18.88
CA THR C 53 0.82 -19.39 -18.62
C THR C 53 -0.44 -18.60 -18.35
N LEU C 54 -1.37 -18.61 -19.29
CA LEU C 54 -2.59 -17.85 -19.17
C LEU C 54 -3.62 -18.66 -18.38
N GLN C 55 -4.10 -18.09 -17.28
CA GLN C 55 -5.03 -18.75 -16.38
C GLN C 55 -6.48 -18.36 -16.62
N ASP C 56 -6.72 -17.09 -16.94
CA ASP C 56 -8.07 -16.58 -17.06
C ASP C 56 -8.10 -15.21 -17.72
N ILE C 57 -9.08 -15.01 -18.59
CA ILE C 57 -9.49 -13.67 -18.98
C ILE C 57 -10.64 -13.38 -18.03
N VAL C 58 -10.39 -12.48 -17.08
CA VAL C 58 -11.29 -12.28 -15.95
C VAL C 58 -12.41 -11.34 -16.35
N LYS C 59 -12.06 -10.23 -17.00
CA LYS C 59 -13.07 -9.32 -17.46
C LYS C 59 -12.68 -8.43 -18.63
N VAL C 60 -13.73 -7.83 -19.18
CA VAL C 60 -13.68 -7.01 -20.36
C VAL C 60 -14.45 -5.74 -20.00
N ASP C 61 -13.97 -4.59 -20.46
CA ASP C 61 -14.66 -3.31 -20.21
C ASP C 61 -14.75 -2.55 -21.53
N SER C 62 -15.92 -2.62 -22.13
CA SER C 62 -16.17 -2.02 -23.44
C SER C 62 -16.37 -0.51 -23.35
N SER C 63 -16.60 0.02 -22.16
CA SER C 63 -16.68 1.47 -21.97
C SER C 63 -15.29 2.15 -21.91
N THR C 64 -14.25 1.41 -21.54
CA THR C 64 -12.88 1.96 -21.44
C THR C 64 -11.83 1.27 -22.32
N ASN C 65 -12.23 0.18 -22.97
CA ASN C 65 -11.33 -0.67 -23.75
C ASN C 65 -10.13 -1.12 -22.91
N GLU C 66 -10.47 -1.77 -21.82
CA GLU C 66 -9.52 -2.40 -20.91
C GLU C 66 -9.95 -3.85 -20.77
N VAL C 67 -8.99 -4.75 -20.81
CA VAL C 67 -9.21 -6.17 -20.54
C VAL C 67 -8.26 -6.60 -19.45
N ASP C 68 -8.73 -7.51 -18.59
CA ASP C 68 -8.00 -8.00 -17.44
C ASP C 68 -7.65 -9.48 -17.61
N LEU C 69 -6.36 -9.80 -17.52
CA LEU C 69 -5.85 -11.17 -17.57
C LEU C 69 -5.23 -11.57 -16.26
N VAL C 70 -5.26 -12.87 -15.98
CA VAL C 70 -4.51 -13.45 -14.90
C VAL C 70 -3.60 -14.49 -15.53
N TYR C 71 -2.32 -14.41 -15.22
CA TYR C 71 -1.31 -15.29 -15.79
C TYR C 71 -0.14 -15.44 -14.85
N TYR C 72 0.67 -16.46 -15.12
CA TYR C 72 1.96 -16.67 -14.52
C TYR C 72 2.98 -16.27 -15.58
N GLU C 73 3.96 -15.47 -15.18
CA GLU C 73 5.02 -15.04 -16.06
C GLU C 73 6.32 -15.69 -15.57
N GLN C 74 6.76 -16.73 -16.25
CA GLN C 74 7.99 -17.41 -15.91
C GLN C 74 9.17 -16.67 -16.49
N GLN C 75 10.15 -16.37 -15.64
CA GLN C 75 11.37 -15.66 -16.01
C GLN C 75 12.57 -16.50 -15.61
N ARG C 76 13.54 -16.67 -16.51
CA ARG C 76 14.76 -17.43 -16.23
C ARG C 76 15.99 -16.70 -16.75
N TRP C 77 17.04 -16.72 -15.95
CA TRP C 77 18.32 -16.17 -16.35
C TRP C 77 19.41 -16.86 -15.52
N LYS C 78 20.67 -16.59 -15.83
CA LYS C 78 21.79 -17.31 -15.21
C LYS C 78 22.94 -16.37 -14.91
N LEU C 79 23.45 -16.41 -13.68
CA LEU C 79 24.55 -15.56 -13.23
C LEU C 79 25.70 -16.37 -12.63
N ASN C 80 26.94 -16.06 -13.03
CA ASN C 80 28.15 -16.68 -12.45
C ASN C 80 28.25 -16.47 -10.96
N SER C 81 27.80 -15.31 -10.49
CA SER C 81 27.85 -14.98 -9.07
C SER C 81 26.93 -15.81 -8.16
N LEU C 82 26.00 -16.57 -8.76
CA LEU C 82 25.12 -17.45 -8.00
C LEU C 82 25.50 -18.93 -8.13
N MET C 83 26.65 -19.22 -8.73
CA MET C 83 27.14 -20.60 -8.85
C MET C 83 27.73 -21.09 -7.52
N TRP C 84 27.59 -22.39 -7.27
CA TRP C 84 28.33 -23.06 -6.20
C TRP C 84 28.49 -24.53 -6.54
N ASP C 85 29.41 -25.17 -5.83
CA ASP C 85 29.67 -26.61 -5.94
C ASP C 85 28.84 -27.32 -4.87
N PRO C 86 27.86 -28.16 -5.27
CA PRO C 86 27.07 -28.93 -4.28
C PRO C 86 27.88 -29.69 -3.21
N ASN C 87 29.02 -30.27 -3.61
CA ASN C 87 29.92 -30.99 -2.69
C ASN C 87 30.41 -30.13 -1.52
N GLU C 88 30.66 -28.85 -1.79
CA GLU C 88 31.09 -27.91 -0.75
C GLU C 88 29.96 -27.53 0.24
N TYR C 89 28.70 -27.84 -0.09
CA TYR C 89 27.54 -27.38 0.69
C TYR C 89 26.50 -28.49 0.85
N GLY C 90 26.92 -29.61 1.43
CA GLY C 90 26.03 -30.70 1.81
C GLY C 90 25.19 -31.32 0.69
N ASN C 91 25.70 -31.29 -0.53
CA ASN C 91 24.98 -31.78 -1.74
C ASN C 91 23.74 -30.96 -2.17
N ILE C 92 23.59 -29.74 -1.65
CA ILE C 92 22.49 -28.85 -2.05
C ILE C 92 22.66 -28.43 -3.52
N THR C 93 21.70 -28.82 -4.36
CA THR C 93 21.69 -28.44 -5.77
C THR C 93 20.82 -27.21 -6.09
N ASP C 94 19.87 -26.89 -5.20
CA ASP C 94 19.06 -25.68 -5.34
C ASP C 94 18.41 -25.22 -4.03
N PHE C 95 18.00 -23.96 -4.00
CA PHE C 95 17.26 -23.43 -2.87
C PHE C 95 16.27 -22.33 -3.29
N ARG C 96 15.38 -21.99 -2.37
CA ARG C 96 14.37 -20.97 -2.57
C ARG C 96 14.78 -19.77 -1.76
N THR C 97 14.60 -18.59 -2.31
CA THR C 97 14.88 -17.36 -1.57
C THR C 97 13.98 -16.22 -2.02
N SER C 98 13.77 -15.27 -1.12
CA SER C 98 13.06 -14.05 -1.41
C SER C 98 13.68 -13.35 -2.64
N ALA C 99 12.83 -12.86 -3.53
CA ALA C 99 13.28 -12.14 -4.70
C ALA C 99 14.03 -10.83 -4.38
N ALA C 100 13.82 -10.30 -3.17
CA ALA C 100 14.57 -9.12 -2.69
C ALA C 100 16.05 -9.42 -2.44
N ASP C 101 16.39 -10.67 -2.13
CA ASP C 101 17.78 -11.09 -1.95
C ASP C 101 18.63 -11.03 -3.23
N ILE C 102 17.99 -11.08 -4.40
CA ILE C 102 18.69 -11.12 -5.68
C ILE C 102 18.25 -10.03 -6.64
N TRP C 103 19.04 -9.79 -7.67
CA TRP C 103 18.65 -8.96 -8.79
C TRP C 103 17.54 -9.67 -9.57
N THR C 104 16.60 -8.90 -10.08
CA THR C 104 15.57 -9.42 -10.99
C THR C 104 15.40 -8.46 -12.18
N PRO C 105 15.04 -8.99 -13.35
CA PRO C 105 14.86 -8.12 -14.52
C PRO C 105 13.61 -7.25 -14.44
N ASP C 106 13.68 -6.10 -15.11
CA ASP C 106 12.62 -5.07 -15.12
C ASP C 106 11.58 -5.24 -16.24
N ILE C 107 11.07 -6.46 -16.39
CA ILE C 107 10.17 -6.80 -17.50
C ILE C 107 8.80 -6.22 -17.19
N THR C 108 8.25 -5.46 -18.12
CA THR C 108 7.08 -4.62 -17.88
C THR C 108 6.16 -4.69 -19.08
N ALA C 109 4.86 -4.73 -18.84
CA ALA C 109 3.88 -4.61 -19.90
C ALA C 109 3.93 -3.18 -20.42
N TYR C 110 3.93 -3.01 -21.73
CA TYR C 110 4.04 -1.66 -22.33
C TYR C 110 2.73 -0.90 -22.32
N SER C 111 1.60 -1.60 -22.27
CA SER C 111 0.29 -0.94 -22.45
C SER C 111 -0.69 -1.26 -21.32
N SER C 112 -0.17 -1.45 -20.10
CA SER C 112 -1.03 -1.56 -18.93
C SER C 112 -1.74 -0.25 -18.66
N THR C 113 -2.91 -0.35 -18.05
CA THR C 113 -3.69 0.83 -17.64
C THR C 113 -3.78 1.00 -16.13
N ARG C 114 -3.33 0.00 -15.36
CA ARG C 114 -3.35 0.00 -13.89
C ARG C 114 -2.05 -0.66 -13.45
N PRO C 115 -1.58 -0.35 -12.23
CA PRO C 115 -0.41 -1.11 -11.77
C PRO C 115 -0.71 -2.61 -11.73
N VAL C 116 0.24 -3.40 -12.19
CA VAL C 116 0.11 -4.82 -12.16
C VAL C 116 -0.06 -5.31 -10.71
N GLN C 117 -0.98 -6.24 -10.49
CA GLN C 117 -1.22 -6.77 -9.14
C GLN C 117 -0.59 -8.14 -9.02
N VAL C 118 0.24 -8.32 -8.00
CA VAL C 118 0.95 -9.57 -7.77
C VAL C 118 0.12 -10.49 -6.90
N LEU C 119 -0.06 -11.72 -7.37
CA LEU C 119 -0.94 -12.70 -6.72
C LEU C 119 -0.19 -13.80 -5.97
N SER C 120 1.13 -13.86 -6.13
CA SER C 120 1.93 -14.94 -5.57
C SER C 120 3.03 -14.35 -4.70
N PRO C 121 3.63 -15.14 -3.80
CA PRO C 121 4.73 -14.61 -3.00
C PRO C 121 5.99 -14.38 -3.84
N GLN C 122 6.77 -13.37 -3.49
CA GLN C 122 7.94 -12.98 -4.29
C GLN C 122 9.14 -13.83 -3.87
N ILE C 123 9.16 -15.07 -4.37
CA ILE C 123 10.20 -16.06 -4.05
C ILE C 123 10.70 -16.69 -5.36
N ALA C 124 12.01 -16.85 -5.46
CA ALA C 124 12.67 -17.41 -6.63
C ALA C 124 13.40 -18.70 -6.25
N VAL C 125 13.67 -19.52 -7.26
CA VAL C 125 14.43 -20.76 -7.09
C VAL C 125 15.78 -20.55 -7.75
N VAL C 126 16.85 -20.78 -6.96
CA VAL C 126 18.22 -20.65 -7.44
C VAL C 126 18.86 -22.04 -7.50
N THR C 127 19.51 -22.34 -8.63
CA THR C 127 20.16 -23.64 -8.88
C THR C 127 21.68 -23.47 -8.89
N HIS C 128 22.39 -24.54 -8.54
CA HIS C 128 23.86 -24.52 -8.35
C HIS C 128 24.66 -24.04 -9.56
N ASP C 129 24.12 -24.25 -10.76
CA ASP C 129 24.71 -23.67 -11.98
C ASP C 129 24.51 -22.14 -12.14
N GLY C 130 23.93 -21.49 -11.14
CA GLY C 130 23.68 -20.05 -11.16
C GLY C 130 22.40 -19.61 -11.84
N SER C 131 21.56 -20.57 -12.27
CA SER C 131 20.33 -20.25 -12.95
C SER C 131 19.24 -19.94 -11.93
N VAL C 132 18.38 -18.98 -12.30
CA VAL C 132 17.31 -18.49 -11.45
C VAL C 132 16.01 -18.70 -12.20
N MET C 133 14.99 -19.14 -11.47
CA MET C 133 13.65 -19.24 -12.02
C MET C 133 12.76 -18.44 -11.09
N PHE C 134 12.01 -17.51 -11.66
CA PHE C 134 11.11 -16.63 -10.91
C PHE C 134 9.79 -16.60 -11.67
N ILE C 135 8.69 -16.89 -10.98
CA ILE C 135 7.39 -17.05 -11.67
C ILE C 135 6.25 -16.32 -10.97
N PRO C 136 6.23 -14.98 -11.07
CA PRO C 136 5.14 -14.23 -10.45
C PRO C 136 3.79 -14.43 -11.15
N ALA C 137 2.76 -14.74 -10.37
CA ALA C 137 1.38 -14.70 -10.84
C ALA C 137 0.92 -13.26 -10.77
N GLN C 138 0.25 -12.80 -11.81
CA GLN C 138 -0.13 -11.39 -11.95
C GLN C 138 -1.56 -11.22 -12.48
N ARG C 139 -2.21 -10.15 -12.06
CA ARG C 139 -3.39 -9.66 -12.72
C ARG C 139 -3.07 -8.32 -13.39
N LEU C 140 -3.38 -8.25 -14.68
CA LEU C 140 -3.02 -7.12 -15.54
C LEU C 140 -4.22 -6.57 -16.24
N SER C 141 -4.43 -5.26 -16.13
CA SER C 141 -5.38 -4.51 -16.98
C SER C 141 -4.58 -3.84 -18.09
N PHE C 142 -5.00 -4.06 -19.33
CA PHE C 142 -4.27 -3.53 -20.48
C PHE C 142 -5.24 -3.06 -21.59
N MET C 143 -4.70 -2.24 -22.50
CA MET C 143 -5.49 -1.60 -23.55
C MET C 143 -5.91 -2.64 -24.60
N CYS C 144 -7.22 -2.80 -24.74
CA CYS C 144 -7.81 -3.78 -25.65
C CYS C 144 -9.26 -3.41 -25.94
N ASP C 145 -9.58 -3.27 -27.23
CA ASP C 145 -10.96 -3.08 -27.70
C ASP C 145 -11.60 -4.48 -27.78
N PRO C 146 -12.59 -4.75 -26.91
CA PRO C 146 -13.25 -6.06 -26.89
C PRO C 146 -14.48 -6.19 -27.81
N THR C 147 -14.73 -5.17 -28.65
CA THR C 147 -15.83 -5.21 -29.63
C THR C 147 -15.69 -6.45 -30.51
N GLY C 148 -16.74 -7.28 -30.50
CA GLY C 148 -16.77 -8.52 -31.27
C GLY C 148 -16.44 -9.77 -30.46
N VAL C 149 -16.27 -9.62 -29.15
CA VAL C 149 -16.01 -10.74 -28.25
C VAL C 149 -17.20 -11.71 -28.18
N ASP C 150 -18.40 -11.16 -28.30
CA ASP C 150 -19.66 -11.95 -28.30
C ASP C 150 -19.96 -12.67 -29.64
N SER C 151 -19.18 -12.38 -30.67
CA SER C 151 -19.30 -13.05 -31.97
C SER C 151 -18.53 -14.38 -32.02
N GLU C 152 -18.77 -15.11 -33.11
CA GLU C 152 -18.17 -16.41 -33.31
C GLU C 152 -16.69 -16.28 -33.68
N GLU C 153 -16.35 -15.25 -34.46
CA GLU C 153 -14.96 -14.96 -34.78
C GLU C 153 -14.17 -14.50 -33.54
N GLY C 154 -14.85 -13.86 -32.59
CA GLY C 154 -14.22 -13.38 -31.37
C GLY C 154 -13.43 -12.13 -31.59
N VAL C 155 -12.47 -11.87 -30.70
CA VAL C 155 -11.63 -10.68 -30.79
C VAL C 155 -10.18 -11.02 -30.48
N THR C 156 -9.26 -10.27 -31.08
CA THR C 156 -7.84 -10.42 -30.87
C THR C 156 -7.35 -9.20 -30.12
N CYS C 157 -6.57 -9.45 -29.07
CA CYS C 157 -5.87 -8.39 -28.34
C CYS C 157 -4.41 -8.74 -28.11
N ALA C 158 -3.60 -7.70 -27.93
CA ALA C 158 -2.15 -7.86 -27.86
C ALA C 158 -1.54 -6.93 -26.82
N VAL C 159 -0.46 -7.39 -26.19
CA VAL C 159 0.29 -6.58 -25.25
C VAL C 159 1.74 -7.02 -25.27
N LYS C 160 2.64 -6.04 -25.38
CA LYS C 160 4.06 -6.27 -25.39
C LYS C 160 4.65 -6.23 -23.98
N PHE C 161 5.58 -7.15 -23.71
CA PHE C 161 6.37 -7.16 -22.48
C PHE C 161 7.84 -7.03 -22.81
N GLY C 162 8.53 -6.12 -22.13
CA GLY C 162 9.96 -5.98 -22.27
C GLY C 162 10.59 -5.24 -21.12
N SER C 163 11.92 -5.17 -21.17
CA SER C 163 12.66 -4.38 -20.23
C SER C 163 12.25 -2.92 -20.36
N TRP C 164 12.08 -2.25 -19.23
CA TRP C 164 11.73 -0.86 -19.24
C TRP C 164 12.92 0.02 -19.69
N VAL C 165 14.13 -0.31 -19.26
CA VAL C 165 15.27 0.56 -19.57
C VAL C 165 16.52 -0.10 -20.14
N TYR C 166 16.56 -1.42 -20.26
CA TYR C 166 17.71 -2.07 -20.90
C TYR C 166 17.39 -2.32 -22.38
N SER C 167 18.34 -1.97 -23.23
CA SER C 167 18.26 -2.28 -24.66
C SER C 167 18.62 -3.75 -24.92
N GLY C 168 18.45 -4.14 -26.18
CA GLY C 168 18.90 -5.45 -26.68
C GLY C 168 20.38 -5.72 -26.57
N PHE C 169 21.18 -4.69 -26.42
CA PHE C 169 22.62 -4.85 -26.13
C PHE C 169 22.91 -5.30 -24.72
N GLU C 170 22.00 -5.06 -23.79
CA GLU C 170 22.19 -5.47 -22.37
C GLU C 170 21.35 -6.70 -21.99
N ILE C 171 20.09 -6.74 -22.43
CA ILE C 171 19.22 -7.86 -22.13
C ILE C 171 18.66 -8.39 -23.43
N ASP C 172 18.89 -9.67 -23.68
CA ASP C 172 18.23 -10.35 -24.78
C ASP C 172 17.08 -11.17 -24.23
N LEU C 173 15.87 -10.94 -24.77
CA LEU C 173 14.73 -11.70 -24.37
C LEU C 173 14.55 -12.83 -25.36
N LYS C 174 14.21 -13.99 -24.85
CA LYS C 174 13.79 -15.07 -25.71
C LYS C 174 12.59 -15.80 -25.10
N THR C 175 11.97 -16.66 -25.91
CA THR C 175 10.90 -17.52 -25.47
C THR C 175 11.37 -18.96 -25.65
N ASP C 176 10.90 -19.86 -24.78
CA ASP C 176 11.09 -21.30 -24.95
C ASP C 176 10.12 -21.83 -25.99
N THR C 177 9.02 -21.12 -26.21
CA THR C 177 8.01 -21.55 -27.16
C THR C 177 7.23 -20.35 -27.65
N ASP C 178 6.67 -20.45 -28.84
CA ASP C 178 5.79 -19.35 -29.37
C ASP C 178 4.33 -19.53 -28.91
N GLN C 179 4.03 -20.70 -28.36
CA GLN C 179 2.74 -21.03 -27.77
C GLN C 179 2.67 -20.67 -26.29
N VAL C 180 1.66 -19.88 -25.96
CA VAL C 180 1.32 -19.58 -24.56
C VAL C 180 0.77 -20.87 -23.96
N ASP C 181 1.23 -21.21 -22.77
CA ASP C 181 0.75 -22.40 -22.08
C ASP C 181 -0.70 -22.16 -21.65
N LEU C 182 -1.60 -22.99 -22.18
CA LEU C 182 -3.02 -22.93 -21.84
C LEU C 182 -3.48 -24.12 -20.99
N SER C 183 -2.56 -24.96 -20.52
CA SER C 183 -2.93 -26.14 -19.76
C SER C 183 -3.57 -25.85 -18.39
N SER C 184 -3.31 -24.67 -17.83
CA SER C 184 -3.97 -24.24 -16.60
C SER C 184 -5.09 -23.23 -16.84
N TYR C 185 -5.55 -23.08 -18.09
CA TYR C 185 -6.61 -22.10 -18.34
C TYR C 185 -7.89 -22.54 -17.67
N TYR C 186 -8.58 -21.60 -17.03
CA TYR C 186 -9.78 -21.91 -16.26
C TYR C 186 -10.91 -22.35 -17.18
N ALA C 187 -11.32 -23.60 -17.02
CA ALA C 187 -12.32 -24.25 -17.89
C ALA C 187 -13.67 -23.56 -17.91
N SER C 188 -14.06 -22.94 -16.79
CA SER C 188 -15.35 -22.23 -16.74
C SER C 188 -15.22 -20.70 -16.77
N SER C 189 -14.15 -20.19 -17.37
CA SER C 189 -14.03 -18.76 -17.63
C SER C 189 -15.20 -18.26 -18.45
N LYS C 190 -15.56 -16.99 -18.33
CA LYS C 190 -16.53 -16.38 -19.24
C LYS C 190 -16.04 -16.34 -20.68
N TYR C 191 -14.73 -16.44 -20.87
CA TYR C 191 -14.14 -16.33 -22.20
C TYR C 191 -13.34 -17.58 -22.53
N GLU C 192 -13.51 -18.07 -23.76
CA GLU C 192 -12.71 -19.18 -24.26
C GLU C 192 -11.61 -18.65 -25.17
N ILE C 193 -10.48 -19.34 -25.14
CA ILE C 193 -9.31 -18.94 -25.90
C ILE C 193 -9.32 -19.70 -27.22
N LEU C 194 -9.23 -18.94 -28.31
CA LEU C 194 -9.10 -19.48 -29.66
C LEU C 194 -7.63 -19.65 -30.04
N SER C 195 -6.79 -18.70 -29.65
CA SER C 195 -5.34 -18.84 -29.78
C SER C 195 -4.60 -17.89 -28.84
N ALA C 196 -3.38 -18.24 -28.50
CA ALA C 196 -2.55 -17.41 -27.66
C ALA C 196 -1.09 -17.67 -27.97
N THR C 197 -0.41 -16.63 -28.46
CA THR C 197 0.98 -16.75 -28.87
C THR C 197 1.85 -15.70 -28.18
N GLN C 198 3.13 -16.02 -28.08
CA GLN C 198 4.12 -15.17 -27.45
C GLN C 198 5.35 -15.11 -28.37
N THR C 199 5.58 -13.94 -28.95
CA THR C 199 6.56 -13.81 -30.02
C THR C 199 7.56 -12.68 -29.77
N ARG C 200 8.84 -13.05 -29.80
CA ARG C 200 9.94 -12.10 -29.73
C ARG C 200 9.88 -11.11 -30.89
N GLN C 201 10.06 -9.83 -30.59
CA GLN C 201 10.10 -8.76 -31.58
C GLN C 201 11.31 -7.89 -31.27
N VAL C 202 11.97 -7.46 -32.35
CA VAL C 202 13.02 -6.45 -32.25
C VAL C 202 12.43 -5.16 -32.77
N GLN C 203 12.77 -4.09 -32.08
CA GLN C 203 12.11 -2.81 -32.32
C GLN C 203 13.20 -1.73 -32.32
N HIS C 204 13.08 -0.81 -33.27
CA HIS C 204 13.89 0.39 -33.29
C HIS C 204 13.01 1.61 -33.20
N TYR C 205 13.55 2.67 -32.64
CA TYR C 205 12.82 3.91 -32.38
C TYR C 205 13.66 5.06 -32.95
N SER C 206 12.97 6.08 -33.46
CA SER C 206 13.60 7.11 -34.31
C SER C 206 14.75 7.86 -33.62
N CYS C 207 14.53 8.22 -32.34
CA CYS C 207 15.53 8.90 -31.50
C CYS C 207 16.89 8.20 -31.43
N CYS C 208 16.83 6.88 -31.27
CA CYS C 208 17.87 6.12 -30.59
C CYS C 208 18.40 4.97 -31.46
N PRO C 209 19.72 4.74 -31.43
CA PRO C 209 20.37 3.76 -32.30
C PRO C 209 20.14 2.27 -31.92
N GLU C 210 19.93 2.00 -30.62
CA GLU C 210 19.99 0.64 -30.12
C GLU C 210 18.66 -0.07 -30.23
N PRO C 211 18.68 -1.41 -30.46
CA PRO C 211 17.42 -2.14 -30.57
C PRO C 211 16.83 -2.42 -29.20
N TYR C 212 15.50 -2.50 -29.13
CA TYR C 212 14.80 -2.88 -27.92
C TYR C 212 14.01 -4.14 -28.22
N ILE C 213 14.07 -5.10 -27.29
CA ILE C 213 13.42 -6.40 -27.47
C ILE C 213 12.15 -6.45 -26.62
N ASP C 214 11.09 -6.97 -27.19
CA ASP C 214 9.89 -7.30 -26.43
C ASP C 214 9.36 -8.66 -26.84
N VAL C 215 8.48 -9.20 -26.00
CA VAL C 215 7.68 -10.37 -26.34
C VAL C 215 6.24 -9.91 -26.48
N ASN C 216 5.64 -10.17 -27.63
CA ASN C 216 4.29 -9.73 -27.94
C ASN C 216 3.34 -10.88 -27.63
N LEU C 217 2.47 -10.66 -26.65
CA LEU C 217 1.49 -11.64 -26.21
C LEU C 217 0.23 -11.31 -26.97
N VAL C 218 -0.20 -12.22 -27.85
CA VAL C 218 -1.37 -12.02 -28.70
C VAL C 218 -2.38 -13.09 -28.36
N VAL C 219 -3.58 -12.66 -27.96
CA VAL C 219 -4.62 -13.55 -27.50
C VAL C 219 -5.91 -13.30 -28.29
N LYS C 220 -6.44 -14.38 -28.89
CA LYS C 220 -7.71 -14.35 -29.61
C LYS C 220 -8.70 -15.08 -28.73
N PHE C 221 -9.82 -14.44 -28.42
CA PHE C 221 -10.80 -15.04 -27.51
C PHE C 221 -12.22 -14.62 -27.83
N ARG C 222 -13.17 -15.31 -27.22
CA ARG C 222 -14.59 -14.92 -27.31
C ARG C 222 -15.37 -15.42 -26.11
N GLU C 223 -16.59 -14.91 -25.97
CA GLU C 223 -17.52 -15.39 -24.94
C GLU C 223 -17.85 -16.87 -25.16
N ARG C 224 -18.07 -17.63 -24.10
CA ARG C 224 -18.29 -19.08 -24.37
C ARG C 224 -19.73 -19.40 -24.71
N ARG C 225 -19.94 -20.29 -25.69
CA ARG C 225 -21.26 -20.81 -26.11
C ARG C 225 -22.48 -19.90 -25.93
N GLN D 20 30.37 -6.97 -14.90
CA GLN D 20 29.88 -7.25 -13.52
C GLN D 20 30.77 -6.53 -12.51
N ALA D 21 32.06 -6.91 -12.50
CA ALA D 21 33.03 -6.43 -11.51
C ALA D 21 33.30 -4.93 -11.62
N ASN D 22 33.47 -4.46 -12.86
CA ASN D 22 33.66 -3.02 -13.12
C ASN D 22 32.42 -2.22 -12.73
N LEU D 23 31.25 -2.68 -13.17
CA LEU D 23 30.01 -2.00 -12.84
C LEU D 23 29.76 -1.96 -11.35
N MET D 24 29.98 -3.10 -10.67
CA MET D 24 29.88 -3.16 -9.22
C MET D 24 30.75 -2.12 -8.53
N ARG D 25 31.97 -1.93 -9.06
CA ARG D 25 32.92 -0.98 -8.47
C ARG D 25 32.48 0.47 -8.69
N LEU D 26 32.01 0.75 -9.91
CA LEU D 26 31.45 2.06 -10.25
C LEU D 26 30.27 2.46 -9.36
N LYS D 27 29.32 1.55 -9.19
CA LYS D 27 28.16 1.80 -8.35
C LYS D 27 28.56 1.99 -6.89
N SER D 28 29.50 1.17 -6.43
CA SER D 28 30.06 1.32 -5.09
C SER D 28 30.73 2.68 -4.88
N ASP D 29 31.51 3.12 -5.86
CA ASP D 29 32.16 4.44 -5.81
C ASP D 29 31.16 5.59 -5.81
N LEU D 30 30.18 5.54 -6.72
CA LEU D 30 29.18 6.60 -6.81
C LEU D 30 28.22 6.65 -5.63
N PHE D 31 27.76 5.50 -5.14
CA PHE D 31 26.64 5.43 -4.17
C PHE D 31 26.98 5.12 -2.71
N ASN D 32 27.99 4.28 -2.48
CA ASN D 32 28.41 3.91 -1.10
C ASN D 32 29.51 4.84 -0.55
N ARG D 33 30.41 5.28 -1.42
CA ARG D 33 31.59 6.07 -1.01
C ARG D 33 31.36 7.58 -0.98
N SER D 34 30.14 8.04 -1.18
CA SER D 34 29.80 9.46 -1.09
C SER D 34 28.32 9.64 -0.79
N PRO D 35 27.93 10.79 -0.20
CA PRO D 35 26.52 10.98 0.11
C PRO D 35 25.70 11.26 -1.15
N MET D 36 24.39 11.00 -1.08
CA MET D 36 23.48 11.29 -2.20
C MET D 36 23.43 12.81 -2.43
N TYR D 37 23.18 13.20 -3.67
CA TYR D 37 23.03 14.62 -4.00
C TYR D 37 21.84 15.16 -3.20
N PRO D 38 22.04 16.29 -2.50
CA PRO D 38 21.03 16.81 -1.56
C PRO D 38 19.97 17.70 -2.20
N GLY D 39 20.03 17.86 -3.53
CA GLY D 39 19.09 18.68 -4.27
C GLY D 39 19.72 20.02 -4.57
N PRO D 40 19.13 20.79 -5.48
CA PRO D 40 19.70 22.06 -5.89
C PRO D 40 19.48 23.20 -4.90
N THR D 41 20.23 24.29 -5.12
CA THR D 41 20.09 25.55 -4.37
C THR D 41 20.13 26.75 -5.33
N LYS D 42 19.84 27.93 -4.79
CA LYS D 42 20.00 29.21 -5.50
C LYS D 42 21.36 29.34 -6.15
N ASP D 43 22.41 28.94 -5.43
CA ASP D 43 23.80 28.98 -5.91
C ASP D 43 24.07 27.98 -7.01
N ASP D 44 23.52 26.78 -6.88
CA ASP D 44 23.77 25.66 -7.81
C ASP D 44 22.46 25.09 -8.35
N PRO D 45 21.76 25.86 -9.20
CA PRO D 45 20.48 25.40 -9.71
C PRO D 45 20.63 24.22 -10.68
N LEU D 46 19.51 23.55 -10.94
CA LEU D 46 19.46 22.38 -11.79
C LEU D 46 18.38 22.55 -12.84
N THR D 47 18.70 22.21 -14.08
CA THR D 47 17.73 22.20 -15.15
C THR D 47 17.23 20.75 -15.33
N VAL D 48 15.91 20.61 -15.33
CA VAL D 48 15.25 19.32 -15.59
C VAL D 48 14.44 19.48 -16.86
N THR D 49 14.67 18.58 -17.81
CA THR D 49 13.90 18.56 -19.04
C THR D 49 12.79 17.53 -18.94
N LEU D 50 11.58 17.92 -19.32
CA LEU D 50 10.39 17.07 -19.32
C LEU D 50 9.85 16.88 -20.72
N GLY D 51 9.33 15.69 -20.98
CA GLY D 51 8.62 15.38 -22.22
C GLY D 51 7.60 14.28 -21.98
N PHE D 52 6.40 14.46 -22.54
CA PHE D 52 5.30 13.50 -22.38
C PHE D 52 5.09 12.70 -23.64
N THR D 53 4.76 11.43 -23.44
CA THR D 53 4.32 10.52 -24.49
C THR D 53 2.95 10.06 -24.04
N LEU D 54 1.91 10.54 -24.72
CA LEU D 54 0.55 10.22 -24.35
C LEU D 54 0.15 8.91 -25.02
N GLN D 55 -0.26 7.95 -24.19
CA GLN D 55 -0.60 6.59 -24.66
C GLN D 55 -2.09 6.38 -24.82
N ASP D 56 -2.89 6.95 -23.93
CA ASP D 56 -4.32 6.71 -23.93
C ASP D 56 -5.06 7.69 -23.04
N ILE D 57 -6.21 8.15 -23.51
CA ILE D 57 -7.21 8.76 -22.64
C ILE D 57 -8.14 7.58 -22.32
N VAL D 58 -8.05 7.10 -21.09
CA VAL D 58 -8.64 5.84 -20.69
C VAL D 58 -10.09 6.01 -20.35
N LYS D 59 -10.37 7.03 -19.55
CA LYS D 59 -11.75 7.33 -19.23
C LYS D 59 -12.03 8.78 -18.87
N VAL D 60 -13.32 9.06 -18.92
CA VAL D 60 -13.88 10.38 -18.75
C VAL D 60 -15.02 10.18 -17.77
N ASP D 61 -15.18 11.11 -16.81
CA ASP D 61 -16.27 11.03 -15.83
C ASP D 61 -16.96 12.39 -15.75
N SER D 62 -18.11 12.46 -16.42
CA SER D 62 -18.88 13.68 -16.52
C SER D 62 -19.65 14.00 -15.24
N SER D 63 -19.80 13.00 -14.35
CA SER D 63 -20.42 13.26 -13.05
C SER D 63 -19.46 13.91 -12.03
N THR D 64 -18.16 13.77 -12.22
CA THR D 64 -17.15 14.35 -11.31
C THR D 64 -16.15 15.32 -11.96
N ASN D 65 -16.20 15.40 -13.29
CA ASN D 65 -15.24 16.16 -14.09
C ASN D 65 -13.81 15.75 -13.76
N GLU D 66 -13.58 14.47 -13.96
CA GLU D 66 -12.26 13.86 -13.82
C GLU D 66 -12.02 13.11 -15.10
N VAL D 67 -10.79 13.22 -15.61
CA VAL D 67 -10.36 12.46 -16.77
C VAL D 67 -9.08 11.72 -16.41
N ASP D 68 -8.93 10.52 -16.96
CA ASP D 68 -7.79 9.64 -16.70
C ASP D 68 -6.93 9.48 -17.94
N LEU D 69 -5.64 9.80 -17.81
CA LEU D 69 -4.63 9.62 -18.86
C LEU D 69 -3.63 8.58 -18.47
N VAL D 70 -3.06 7.92 -19.49
CA VAL D 70 -1.90 7.08 -19.33
C VAL D 70 -0.84 7.65 -20.21
N TYR D 71 0.34 7.88 -19.65
CA TYR D 71 1.45 8.50 -20.37
C TYR D 71 2.77 8.06 -19.76
N TYR D 72 3.84 8.30 -20.53
CA TYR D 72 5.22 8.19 -20.08
C TYR D 72 5.70 9.62 -19.89
N GLU D 73 6.33 9.89 -18.76
CA GLU D 73 6.89 11.20 -18.48
C GLU D 73 8.40 11.06 -18.43
N GLN D 74 9.07 11.50 -19.49
CA GLN D 74 10.52 11.45 -19.56
C GLN D 74 11.11 12.65 -18.83
N GLN D 75 12.03 12.38 -17.93
CA GLN D 75 12.72 13.39 -17.13
C GLN D 75 14.23 13.24 -17.32
N ARG D 76 14.93 14.34 -17.57
CA ARG D 76 16.39 14.33 -17.74
C ARG D 76 17.03 15.47 -16.99
N TRP D 77 18.14 15.17 -16.35
CA TRP D 77 18.95 16.18 -15.67
C TRP D 77 20.38 15.67 -15.62
N LYS D 78 21.30 16.52 -15.17
CA LYS D 78 22.72 16.19 -15.17
C LYS D 78 23.39 16.64 -13.87
N LEU D 79 24.14 15.74 -13.25
CA LEU D 79 24.89 16.03 -12.02
C LEU D 79 26.38 15.73 -12.17
N ASN D 80 27.23 16.64 -11.72
CA ASN D 80 28.69 16.43 -11.67
C ASN D 80 29.05 15.24 -10.80
N SER D 81 28.31 15.03 -9.73
CA SER D 81 28.53 13.91 -8.81
C SER D 81 28.29 12.52 -9.41
N LEU D 82 27.65 12.44 -10.56
CA LEU D 82 27.43 11.16 -11.25
C LEU D 82 28.33 10.97 -12.46
N MET D 83 29.33 11.84 -12.64
CA MET D 83 30.30 11.70 -13.72
C MET D 83 31.33 10.63 -13.40
N TRP D 84 31.80 9.95 -14.45
CA TRP D 84 32.98 9.09 -14.34
C TRP D 84 33.66 9.00 -15.69
N ASP D 85 34.90 8.54 -15.66
CA ASP D 85 35.72 8.30 -16.86
C ASP D 85 35.54 6.83 -17.24
N PRO D 86 34.95 6.54 -18.43
CA PRO D 86 34.80 5.14 -18.88
C PRO D 86 36.08 4.28 -18.83
N ASN D 87 37.23 4.88 -19.16
CA ASN D 87 38.54 4.19 -19.10
C ASN D 87 38.88 3.64 -17.71
N GLU D 88 38.50 4.37 -16.67
CA GLU D 88 38.71 3.92 -15.28
C GLU D 88 37.79 2.74 -14.86
N TYR D 89 36.74 2.45 -15.64
CA TYR D 89 35.72 1.46 -15.27
C TYR D 89 35.31 0.58 -16.45
N GLY D 90 36.29 -0.10 -17.02
CA GLY D 90 36.05 -1.12 -18.05
C GLY D 90 35.33 -0.67 -19.31
N ASN D 91 35.48 0.62 -19.66
CA ASN D 91 34.79 1.24 -20.81
C ASN D 91 33.26 1.40 -20.69
N ILE D 92 32.73 1.27 -19.47
CA ILE D 92 31.29 1.46 -19.21
C ILE D 92 30.93 2.94 -19.45
N THR D 93 30.05 3.18 -20.42
CA THR D 93 29.55 4.54 -20.70
C THR D 93 28.19 4.86 -20.05
N ASP D 94 27.44 3.82 -19.68
CA ASP D 94 26.19 4.00 -18.96
C ASP D 94 25.73 2.74 -18.21
N PHE D 95 24.85 2.95 -17.23
CA PHE D 95 24.24 1.84 -16.51
C PHE D 95 22.83 2.17 -16.04
N ARG D 96 22.13 1.12 -15.63
CA ARG D 96 20.76 1.21 -15.14
C ARG D 96 20.82 1.01 -13.65
N THR D 97 20.03 1.78 -12.91
CA THR D 97 19.96 1.61 -11.47
C THR D 97 18.59 2.01 -10.92
N SER D 98 18.25 1.44 -9.78
CA SER D 98 17.04 1.78 -9.05
C SER D 98 17.02 3.29 -8.77
N ALA D 99 15.86 3.90 -8.96
CA ALA D 99 15.68 5.33 -8.71
C ALA D 99 15.88 5.71 -7.23
N ALA D 100 15.79 4.73 -6.33
CA ALA D 100 16.09 4.94 -4.90
C ALA D 100 17.57 5.20 -4.63
N ASP D 101 18.45 4.69 -5.49
CA ASP D 101 19.90 4.94 -5.40
C ASP D 101 20.31 6.39 -5.64
N ILE D 102 19.47 7.15 -6.34
CA ILE D 102 19.80 8.53 -6.74
C ILE D 102 18.73 9.52 -6.31
N TRP D 103 19.11 10.79 -6.31
CA TRP D 103 18.16 11.88 -6.17
C TRP D 103 17.30 11.92 -7.43
N THR D 104 16.01 12.24 -7.24
CA THR D 104 15.11 12.48 -8.37
C THR D 104 14.28 13.73 -8.09
N PRO D 105 13.89 14.45 -9.14
CA PRO D 105 13.09 15.67 -8.93
C PRO D 105 11.65 15.39 -8.51
N ASP D 106 11.08 16.32 -7.75
CA ASP D 106 9.72 16.22 -7.19
C ASP D 106 8.63 16.80 -8.12
N ILE D 107 8.65 16.39 -9.38
CA ILE D 107 7.74 16.86 -10.40
C ILE D 107 6.37 16.25 -10.14
N THR D 108 5.35 17.10 -10.05
CA THR D 108 4.03 16.69 -9.58
C THR D 108 2.98 17.38 -10.42
N ALA D 109 1.91 16.66 -10.73
CA ALA D 109 0.76 17.27 -11.38
C ALA D 109 0.09 18.18 -10.34
N TYR D 110 -0.29 19.38 -10.76
CA TYR D 110 -0.90 20.35 -9.85
C TYR D 110 -2.37 20.09 -9.57
N SER D 111 -3.05 19.42 -10.48
CA SER D 111 -4.51 19.29 -10.41
C SER D 111 -5.00 17.83 -10.48
N SER D 112 -4.18 16.90 -9.97
CA SER D 112 -4.61 15.53 -9.81
C SER D 112 -5.73 15.44 -8.77
N THR D 113 -6.59 14.44 -8.92
CA THR D 113 -7.65 14.16 -7.97
C THR D 113 -7.46 12.85 -7.21
N ARG D 114 -6.46 12.05 -7.59
CA ARG D 114 -6.13 10.76 -6.95
C ARG D 114 -4.62 10.65 -6.97
N PRO D 115 -4.03 9.88 -6.05
CA PRO D 115 -2.58 9.68 -6.18
C PRO D 115 -2.24 9.03 -7.53
N VAL D 116 -1.20 9.54 -8.15
CA VAL D 116 -0.74 9.03 -9.42
C VAL D 116 -0.36 7.56 -9.26
N GLN D 117 -0.73 6.72 -10.23
CA GLN D 117 -0.42 5.29 -10.19
C GLN D 117 0.73 5.01 -11.13
N VAL D 118 1.78 4.37 -10.60
CA VAL D 118 2.99 4.10 -11.38
C VAL D 118 2.87 2.74 -12.04
N LEU D 119 3.10 2.71 -13.35
CA LEU D 119 2.91 1.52 -14.16
C LEU D 119 4.20 0.82 -14.58
N SER D 120 5.35 1.45 -14.30
CA SER D 120 6.64 0.94 -14.71
C SER D 120 7.54 0.80 -13.49
N PRO D 121 8.59 -0.04 -13.58
CA PRO D 121 9.52 -0.16 -12.46
C PRO D 121 10.36 1.11 -12.28
N GLN D 122 10.71 1.42 -11.05
CA GLN D 122 11.40 2.68 -10.74
C GLN D 122 12.91 2.52 -10.96
N ILE D 123 13.32 2.58 -12.23
CA ILE D 123 14.70 2.40 -12.66
C ILE D 123 15.08 3.53 -13.63
N ALA D 124 16.28 4.06 -13.46
CA ALA D 124 16.81 5.15 -14.27
C ALA D 124 18.07 4.71 -15.01
N VAL D 125 18.41 5.43 -16.07
CA VAL D 125 19.63 5.22 -16.84
C VAL D 125 20.58 6.38 -16.53
N VAL D 126 21.79 6.05 -16.09
CA VAL D 126 22.83 7.04 -15.78
C VAL D 126 23.97 6.91 -16.81
N THR D 127 24.39 8.05 -17.36
CA THR D 127 25.44 8.12 -18.40
C THR D 127 26.70 8.77 -17.81
N HIS D 128 27.86 8.41 -18.36
CA HIS D 128 29.18 8.82 -17.82
C HIS D 128 29.39 10.32 -17.70
N ASP D 129 28.72 11.10 -18.54
CA ASP D 129 28.71 12.57 -18.40
C ASP D 129 27.86 13.10 -17.21
N GLY D 130 27.31 12.19 -16.40
CA GLY D 130 26.48 12.55 -15.25
C GLY D 130 25.01 12.79 -15.54
N SER D 131 24.58 12.55 -16.79
CA SER D 131 23.21 12.76 -17.16
C SER D 131 22.37 11.54 -16.79
N VAL D 132 21.13 11.82 -16.39
CA VAL D 132 20.19 10.82 -15.91
C VAL D 132 18.96 10.91 -16.78
N MET D 133 18.41 9.75 -17.15
CA MET D 133 17.15 9.68 -17.86
C MET D 133 16.26 8.77 -17.02
N PHE D 134 15.09 9.26 -16.68
CA PHE D 134 14.12 8.53 -15.85
C PHE D 134 12.76 8.71 -16.53
N ILE D 135 12.07 7.61 -16.80
CA ILE D 135 10.83 7.67 -17.59
C ILE D 135 9.70 6.84 -16.98
N PRO D 136 9.11 7.35 -15.88
CA PRO D 136 7.97 6.64 -15.29
C PRO D 136 6.70 6.66 -16.15
N ALA D 137 6.12 5.49 -16.37
CA ALA D 137 4.78 5.38 -16.94
C ALA D 137 3.79 5.59 -15.83
N GLN D 138 2.76 6.39 -16.08
CA GLN D 138 1.81 6.78 -15.04
C GLN D 138 0.36 6.74 -15.53
N ARG D 139 -0.56 6.44 -14.62
CA ARG D 139 -1.97 6.73 -14.81
C ARG D 139 -2.40 7.84 -13.86
N LEU D 140 -3.00 8.87 -14.42
CA LEU D 140 -3.31 10.11 -13.71
C LEU D 140 -4.78 10.45 -13.89
N SER D 141 -5.47 10.69 -12.76
CA SER D 141 -6.80 11.30 -12.76
C SER D 141 -6.64 12.77 -12.43
N PHE D 142 -7.19 13.64 -13.26
CA PHE D 142 -7.04 15.08 -13.10
C PHE D 142 -8.34 15.82 -13.44
N MET D 143 -8.42 17.08 -12.98
CA MET D 143 -9.62 17.89 -13.09
C MET D 143 -9.83 18.33 -14.55
N CYS D 144 -10.94 17.91 -15.13
CA CYS D 144 -11.26 18.17 -16.52
C CYS D 144 -12.77 18.01 -16.75
N ASP D 145 -13.39 19.08 -17.24
CA ASP D 145 -14.80 19.07 -17.68
C ASP D 145 -14.82 18.49 -19.10
N PRO D 146 -15.39 17.29 -19.29
CA PRO D 146 -15.45 16.66 -20.61
C PRO D 146 -16.67 17.02 -21.47
N THR D 147 -17.49 17.97 -21.02
CA THR D 147 -18.63 18.47 -21.79
C THR D 147 -18.19 18.91 -23.19
N GLY D 148 -18.78 18.28 -24.20
CA GLY D 148 -18.45 18.56 -25.60
C GLY D 148 -17.50 17.57 -26.25
N VAL D 149 -17.12 16.52 -25.50
CA VAL D 149 -16.24 15.47 -26.00
C VAL D 149 -16.89 14.67 -27.16
N ASP D 150 -18.22 14.54 -27.09
CA ASP D 150 -19.00 13.85 -28.14
C ASP D 150 -19.23 14.67 -29.42
N SER D 151 -18.88 15.96 -29.39
CA SER D 151 -18.96 16.85 -30.55
C SER D 151 -17.74 16.74 -31.47
N GLU D 152 -17.87 17.36 -32.63
CA GLU D 152 -16.83 17.36 -33.65
C GLU D 152 -15.67 18.28 -33.25
N GLU D 153 -15.99 19.40 -32.61
CA GLU D 153 -14.98 20.31 -32.07
C GLU D 153 -14.19 19.66 -30.90
N GLY D 154 -14.86 18.77 -30.15
CA GLY D 154 -14.23 18.06 -29.06
C GLY D 154 -14.10 18.93 -27.83
N VAL D 155 -13.18 18.57 -26.95
CA VAL D 155 -12.95 19.30 -25.71
C VAL D 155 -11.46 19.45 -25.43
N THR D 156 -11.09 20.54 -24.77
CA THR D 156 -9.72 20.83 -24.38
C THR D 156 -9.62 20.71 -22.89
N CYS D 157 -8.60 19.98 -22.43
CA CYS D 157 -8.26 19.94 -21.00
C CYS D 157 -6.77 20.16 -20.78
N ALA D 158 -6.43 20.61 -19.59
CA ALA D 158 -5.07 21.02 -19.27
C ALA D 158 -4.66 20.61 -17.86
N VAL D 159 -3.38 20.31 -17.70
CA VAL D 159 -2.82 20.00 -16.38
C VAL D 159 -1.38 20.43 -16.33
N LYS D 160 -1.01 21.14 -15.28
CA LYS D 160 0.34 21.63 -15.07
C LYS D 160 1.16 20.64 -14.26
N PHE D 161 2.42 20.48 -14.66
CA PHE D 161 3.40 19.70 -13.93
C PHE D 161 4.57 20.56 -13.51
N GLY D 162 4.95 20.49 -12.24
CA GLY D 162 6.12 21.20 -11.75
C GLY D 162 6.64 20.65 -10.44
N SER D 163 7.79 21.17 -10.01
CA SER D 163 8.31 20.90 -8.71
C SER D 163 7.29 21.32 -7.64
N TRP D 164 7.13 20.47 -6.64
CA TRP D 164 6.23 20.77 -5.56
C TRP D 164 6.79 21.87 -4.64
N VAL D 165 8.08 21.84 -4.36
CA VAL D 165 8.66 22.78 -3.40
C VAL D 165 9.90 23.55 -3.82
N TYR D 166 10.46 23.27 -5.00
CA TYR D 166 11.57 24.07 -5.48
C TYR D 166 11.03 25.15 -6.43
N SER D 167 11.48 26.39 -6.20
CA SER D 167 11.17 27.50 -7.07
C SER D 167 12.04 27.48 -8.32
N GLY D 168 11.75 28.41 -9.23
CA GLY D 168 12.54 28.66 -10.41
C GLY D 168 14.00 29.04 -10.16
N PHE D 169 14.30 29.51 -8.95
CA PHE D 169 15.69 29.78 -8.57
C PHE D 169 16.49 28.51 -8.31
N GLU D 170 15.83 27.39 -7.99
CA GLU D 170 16.52 26.12 -7.72
C GLU D 170 16.37 25.10 -8.87
N ILE D 171 15.18 24.99 -9.45
CA ILE D 171 14.93 24.06 -10.55
C ILE D 171 14.34 24.83 -11.70
N ASP D 172 15.00 24.73 -12.85
CA ASP D 172 14.44 25.23 -14.09
C ASP D 172 13.90 24.06 -14.88
N LEU D 173 12.65 24.16 -15.32
CA LEU D 173 12.08 23.17 -16.21
C LEU D 173 12.18 23.65 -17.61
N LYS D 174 12.49 22.73 -18.52
CA LYS D 174 12.31 23.01 -19.93
C LYS D 174 11.73 21.80 -20.65
N THR D 175 11.36 22.01 -21.90
CA THR D 175 10.92 20.96 -22.81
C THR D 175 11.89 20.95 -23.97
N ASP D 176 12.10 19.78 -24.57
CA ASP D 176 12.85 19.65 -25.83
C ASP D 176 11.97 20.06 -27.00
N THR D 177 10.66 19.98 -26.81
CA THR D 177 9.72 20.32 -27.86
C THR D 177 8.36 20.65 -27.24
N ASP D 178 7.58 21.46 -27.96
CA ASP D 178 6.24 21.83 -27.51
C ASP D 178 5.18 20.82 -27.90
N GLN D 179 5.54 19.87 -28.76
CA GLN D 179 4.65 18.80 -29.19
C GLN D 179 4.77 17.55 -28.29
N VAL D 180 3.64 17.13 -27.75
CA VAL D 180 3.53 15.88 -27.03
C VAL D 180 3.69 14.75 -28.03
N ASP D 181 4.52 13.76 -27.70
CA ASP D 181 4.71 12.60 -28.56
C ASP D 181 3.42 11.77 -28.58
N LEU D 182 2.82 11.66 -29.77
CA LEU D 182 1.62 10.88 -29.97
C LEU D 182 1.85 9.60 -30.77
N SER D 183 3.10 9.27 -31.06
CA SER D 183 3.42 8.09 -31.88
C SER D 183 3.04 6.75 -31.25
N SER D 184 2.95 6.71 -29.92
CA SER D 184 2.51 5.51 -29.20
C SER D 184 1.05 5.61 -28.74
N TYR D 185 0.28 6.56 -29.24
CA TYR D 185 -1.10 6.68 -28.81
C TYR D 185 -1.90 5.47 -29.27
N TYR D 186 -2.74 4.96 -28.38
CA TYR D 186 -3.49 3.73 -28.63
C TYR D 186 -4.54 3.96 -29.74
N ALA D 187 -4.34 3.24 -30.84
CA ALA D 187 -5.16 3.38 -32.05
C ALA D 187 -6.64 3.12 -31.84
N SER D 188 -6.99 2.21 -30.93
CA SER D 188 -8.40 1.91 -30.64
C SER D 188 -8.90 2.51 -29.32
N SER D 189 -8.30 3.61 -28.86
CA SER D 189 -8.85 4.34 -27.73
C SER D 189 -10.27 4.81 -28.03
N LYS D 190 -11.09 4.98 -27.00
CA LYS D 190 -12.40 5.60 -27.19
C LYS D 190 -12.28 7.05 -27.62
N TYR D 191 -11.13 7.68 -27.39
CA TYR D 191 -10.94 9.09 -27.68
C TYR D 191 -9.80 9.29 -28.64
N GLU D 192 -10.02 10.17 -29.63
CA GLU D 192 -8.96 10.54 -30.57
C GLU D 192 -8.43 11.91 -30.19
N ILE D 193 -7.14 12.09 -30.42
CA ILE D 193 -6.43 13.31 -30.05
C ILE D 193 -6.42 14.24 -31.25
N LEU D 194 -6.90 15.46 -31.04
CA LEU D 194 -6.87 16.53 -32.03
C LEU D 194 -5.59 17.35 -31.92
N SER D 195 -5.14 17.61 -30.69
CA SER D 195 -3.83 18.21 -30.46
C SER D 195 -3.37 17.95 -29.04
N ALA D 196 -2.06 18.01 -28.84
CA ALA D 196 -1.47 17.83 -27.53
C ALA D 196 -0.15 18.58 -27.46
N THR D 197 -0.09 19.56 -26.58
CA THR D 197 1.08 20.41 -26.43
C THR D 197 1.59 20.43 -25.00
N GLN D 198 2.88 20.72 -24.87
CA GLN D 198 3.57 20.79 -23.59
C GLN D 198 4.41 22.05 -23.55
N THR D 199 4.03 23.00 -22.70
CA THR D 199 4.61 24.35 -22.75
C THR D 199 5.08 24.83 -21.39
N ARG D 200 6.34 25.25 -21.31
CA ARG D 200 6.91 25.91 -20.15
C ARG D 200 6.15 27.20 -19.80
N GLN D 201 5.83 27.37 -18.53
CA GLN D 201 5.21 28.57 -18.01
C GLN D 201 5.93 29.03 -16.77
N VAL D 202 6.07 30.33 -16.62
CA VAL D 202 6.56 30.93 -15.38
C VAL D 202 5.37 31.54 -14.67
N GLN D 203 5.33 31.36 -13.36
CA GLN D 203 4.15 31.67 -12.57
C GLN D 203 4.59 32.35 -11.29
N HIS D 204 3.82 33.35 -10.87
CA HIS D 204 4.00 33.95 -9.54
C HIS D 204 2.73 33.76 -8.75
N TYR D 205 2.89 33.67 -7.43
CA TYR D 205 1.78 33.45 -6.51
C TYR D 205 1.85 34.52 -5.42
N SER D 206 0.67 34.95 -4.96
CA SER D 206 0.54 36.17 -4.13
C SER D 206 1.35 36.11 -2.83
N CYS D 207 1.32 34.95 -2.16
CA CYS D 207 2.11 34.66 -0.94
C CYS D 207 3.59 34.99 -1.03
N CYS D 208 4.20 34.61 -2.15
CA CYS D 208 5.61 34.26 -2.21
C CYS D 208 6.33 35.06 -3.31
N PRO D 209 7.55 35.54 -3.00
CA PRO D 209 8.32 36.37 -3.93
C PRO D 209 8.90 35.66 -5.16
N GLU D 210 9.22 34.37 -5.02
CA GLU D 210 9.99 33.65 -6.03
C GLU D 210 9.10 33.09 -7.13
N PRO D 211 9.61 33.01 -8.37
CA PRO D 211 8.82 32.44 -9.47
C PRO D 211 8.81 30.91 -9.41
N TYR D 212 7.74 30.30 -9.89
CA TYR D 212 7.62 28.85 -9.98
C TYR D 212 7.43 28.47 -11.44
N ILE D 213 8.12 27.42 -11.87
CA ILE D 213 8.08 26.95 -13.25
C ILE D 213 7.20 25.69 -13.33
N ASP D 214 6.37 25.63 -14.36
CA ASP D 214 5.63 24.41 -14.68
C ASP D 214 5.64 24.17 -16.17
N VAL D 215 5.29 22.94 -16.55
CA VAL D 215 5.00 22.58 -17.93
C VAL D 215 3.51 22.29 -18.00
N ASN D 216 2.82 23.00 -18.90
CA ASN D 216 1.38 22.88 -19.04
C ASN D 216 1.10 21.91 -20.18
N LEU D 217 0.47 20.80 -19.83
CA LEU D 217 0.10 19.76 -20.78
C LEU D 217 -1.34 20.06 -21.18
N VAL D 218 -1.54 20.40 -22.45
CA VAL D 218 -2.87 20.78 -22.96
C VAL D 218 -3.25 19.78 -24.03
N VAL D 219 -4.38 19.12 -23.84
CA VAL D 219 -4.84 18.07 -24.73
C VAL D 219 -6.26 18.36 -25.22
N LYS D 220 -6.42 18.38 -26.54
CA LYS D 220 -7.72 18.56 -27.19
C LYS D 220 -8.11 17.20 -27.74
N PHE D 221 -9.29 16.72 -27.39
CA PHE D 221 -9.70 15.39 -27.82
C PHE D 221 -11.21 15.28 -28.01
N ARG D 222 -11.64 14.18 -28.63
CA ARG D 222 -13.07 13.86 -28.76
C ARG D 222 -13.29 12.37 -28.90
N GLU D 223 -14.55 11.95 -28.78
CA GLU D 223 -14.93 10.57 -29.04
C GLU D 223 -14.64 10.19 -30.49
N ARG D 224 -14.42 8.88 -30.71
CA ARG D 224 -13.98 8.36 -31.99
C ARG D 224 -15.23 7.89 -32.73
N GLN E 20 26.22 22.31 -2.77
CA GLN E 20 26.22 20.82 -2.54
C GLN E 20 26.95 20.51 -1.24
N ALA E 21 28.23 20.88 -1.17
CA ALA E 21 29.09 20.56 -0.03
C ALA E 21 28.64 21.25 1.26
N ASN E 22 28.31 22.54 1.17
CA ASN E 22 27.79 23.28 2.31
C ASN E 22 26.45 22.72 2.80
N LEU E 23 25.53 22.49 1.86
CA LEU E 23 24.24 21.94 2.20
C LEU E 23 24.36 20.56 2.83
N MET E 24 25.20 19.71 2.24
CA MET E 24 25.48 18.38 2.82
C MET E 24 25.95 18.47 4.26
N ARG E 25 26.79 19.46 4.55
CA ARG E 25 27.35 19.63 5.89
C ARG E 25 26.28 20.10 6.88
N LEU E 26 25.47 21.06 6.44
CA LEU E 26 24.34 21.56 7.22
C LEU E 26 23.35 20.44 7.60
N LYS E 27 22.96 19.64 6.61
CA LYS E 27 22.04 18.53 6.85
C LYS E 27 22.64 17.50 7.79
N SER E 28 23.92 17.20 7.60
CA SER E 28 24.66 16.31 8.50
C SER E 28 24.67 16.82 9.93
N ASP E 29 24.94 18.12 10.11
CA ASP E 29 24.92 18.74 11.45
C ASP E 29 23.51 18.71 12.09
N LEU E 30 22.50 19.10 11.33
CA LEU E 30 21.12 19.12 11.85
C LEU E 30 20.54 17.74 12.13
N PHE E 31 20.79 16.76 11.25
CA PHE E 31 20.05 15.48 11.26
C PHE E 31 20.82 14.25 11.76
N ASN E 32 22.13 14.18 11.49
CA ASN E 32 22.95 13.03 11.90
C ASN E 32 23.60 13.24 13.28
N ARG E 33 23.96 14.50 13.58
CA ARG E 33 24.64 14.85 14.82
C ARG E 33 23.74 15.12 16.04
N SER E 34 22.43 14.96 15.88
CA SER E 34 21.50 15.22 16.99
C SER E 34 20.17 14.50 16.78
N PRO E 35 19.44 14.22 17.87
CA PRO E 35 18.19 13.45 17.70
C PRO E 35 17.08 14.34 17.12
N MET E 36 16.08 13.69 16.53
CA MET E 36 14.90 14.37 16.00
C MET E 36 14.14 15.05 17.14
N TYR E 37 13.47 16.15 16.83
CA TYR E 37 12.62 16.84 17.81
C TYR E 37 11.53 15.86 18.24
N PRO E 38 11.33 15.68 19.57
CA PRO E 38 10.42 14.66 20.08
C PRO E 38 8.96 15.11 20.19
N GLY E 39 8.66 16.33 19.77
CA GLY E 39 7.31 16.87 19.84
C GLY E 39 7.19 17.78 21.04
N PRO E 40 6.14 18.61 21.08
CA PRO E 40 5.99 19.59 22.17
C PRO E 40 5.47 18.98 23.48
N THR E 41 5.57 19.77 24.55
CA THR E 41 5.03 19.44 25.88
C THR E 41 4.30 20.64 26.51
N LYS E 42 3.63 20.40 27.63
CA LYS E 42 3.02 21.46 28.45
C LYS E 42 4.00 22.59 28.75
N ASP E 43 5.25 22.21 29.08
CA ASP E 43 6.31 23.18 29.39
C ASP E 43 6.77 23.97 28.16
N ASP E 44 6.88 23.29 27.02
CA ASP E 44 7.39 23.89 25.78
C ASP E 44 6.40 23.69 24.61
N PRO E 45 5.27 24.41 24.66
CA PRO E 45 4.28 24.24 23.63
C PRO E 45 4.74 24.80 22.28
N LEU E 46 4.05 24.38 21.22
CA LEU E 46 4.41 24.72 19.84
C LEU E 46 3.18 25.31 19.15
N THR E 47 3.36 26.40 18.42
CA THR E 47 2.30 26.96 17.62
C THR E 47 2.46 26.45 16.18
N VAL E 48 1.36 25.91 15.65
CA VAL E 48 1.31 25.44 14.27
C VAL E 48 0.27 26.28 13.56
N THR E 49 0.66 26.90 12.44
CA THR E 49 -0.26 27.69 11.64
C THR E 49 -0.75 26.84 10.47
N LEU E 50 -2.07 26.83 10.25
CA LEU E 50 -2.72 26.11 9.17
C LEU E 50 -3.41 27.07 8.22
N GLY E 51 -3.39 26.71 6.94
CA GLY E 51 -4.17 27.41 5.92
C GLY E 51 -4.51 26.48 4.77
N PHE E 52 -5.74 26.57 4.27
CA PHE E 52 -6.25 25.72 3.21
C PHE E 52 -6.34 26.47 1.89
N THR E 53 -6.04 25.74 0.82
CA THR E 53 -6.27 26.18 -0.54
C THR E 53 -7.18 25.12 -1.13
N LEU E 54 -8.44 25.47 -1.36
CA LEU E 54 -9.41 24.53 -1.90
C LEU E 54 -9.31 24.52 -3.42
N GLN E 55 -9.06 23.35 -3.98
CA GLN E 55 -8.88 23.18 -5.43
C GLN E 55 -10.13 22.67 -6.14
N ASP E 56 -10.89 21.78 -5.50
CA ASP E 56 -12.02 21.14 -6.16
C ASP E 56 -12.90 20.41 -5.17
N ILE E 57 -14.22 20.54 -5.36
CA ILE E 57 -15.16 19.60 -4.77
C ILE E 57 -15.39 18.62 -5.90
N VAL E 58 -14.84 17.40 -5.72
CA VAL E 58 -14.76 16.43 -6.80
C VAL E 58 -16.06 15.67 -6.92
N LYS E 59 -16.59 15.22 -5.79
CA LYS E 59 -17.86 14.56 -5.81
C LYS E 59 -18.65 14.59 -4.52
N VAL E 60 -19.92 14.21 -4.69
CA VAL E 60 -20.92 14.25 -3.65
C VAL E 60 -21.62 12.90 -3.73
N ASP E 61 -21.95 12.32 -2.58
CA ASP E 61 -22.66 11.04 -2.53
C ASP E 61 -23.84 11.15 -1.56
N SER E 62 -25.01 11.33 -2.15
CA SER E 62 -26.24 11.51 -1.38
C SER E 62 -26.77 10.22 -0.79
N SER E 63 -26.29 9.08 -1.27
CA SER E 63 -26.66 7.80 -0.68
C SER E 63 -25.87 7.46 0.62
N THR E 64 -24.70 8.06 0.80
CA THR E 64 -23.88 7.82 2.00
C THR E 64 -23.54 9.08 2.82
N ASN E 65 -23.92 10.25 2.30
CA ASN E 65 -23.59 11.54 2.89
C ASN E 65 -22.08 11.67 3.11
N GLU E 66 -21.36 11.51 2.01
CA GLU E 66 -19.92 11.70 1.92
C GLU E 66 -19.68 12.70 0.81
N VAL E 67 -18.78 13.64 1.05
CA VAL E 67 -18.32 14.57 0.03
C VAL E 67 -16.80 14.49 -0.05
N ASP E 68 -16.26 14.65 -1.26
CA ASP E 68 -14.82 14.54 -1.53
C ASP E 68 -14.25 15.88 -1.97
N LEU E 69 -13.22 16.35 -1.28
CA LEU E 69 -12.49 17.59 -1.57
C LEU E 69 -11.07 17.29 -1.96
N VAL E 70 -10.50 18.19 -2.76
CA VAL E 70 -9.08 18.21 -3.04
C VAL E 70 -8.59 19.59 -2.61
N TYR E 71 -7.54 19.62 -1.80
CA TYR E 71 -7.00 20.86 -1.26
C TYR E 71 -5.52 20.71 -0.93
N TYR E 72 -4.87 21.85 -0.75
CA TYR E 72 -3.52 21.93 -0.22
C TYR E 72 -3.66 22.43 1.21
N GLU E 73 -3.00 21.77 2.14
CA GLU E 73 -3.01 22.15 3.55
C GLU E 73 -1.62 22.65 3.92
N GLN E 74 -1.46 23.95 4.04
CA GLN E 74 -0.20 24.54 4.42
C GLN E 74 -0.05 24.52 5.94
N GLN E 75 1.08 23.98 6.40
CA GLN E 75 1.41 23.90 7.82
C GLN E 75 2.75 24.59 8.06
N ARG E 76 2.83 25.42 9.11
CA ARG E 76 4.07 26.12 9.48
C ARG E 76 4.28 26.08 10.97
N TRP E 77 5.52 25.85 11.36
CA TRP E 77 5.92 25.89 12.76
C TRP E 77 7.42 26.22 12.80
N LYS E 78 7.96 26.43 14.00
CA LYS E 78 9.32 26.92 14.17
C LYS E 78 10.00 26.21 15.34
N LEU E 79 11.19 25.66 15.10
CA LEU E 79 11.97 24.96 16.12
C LEU E 79 13.39 25.53 16.26
N ASN E 80 13.83 25.74 17.51
CA ASN E 80 15.21 26.21 17.78
C ASN E 80 16.25 25.22 17.27
N SER E 81 15.92 23.93 17.34
CA SER E 81 16.82 22.88 16.86
C SER E 81 17.10 22.87 15.36
N LEU E 82 16.32 23.61 14.57
CA LEU E 82 16.54 23.72 13.14
C LEU E 82 17.14 25.05 12.72
N MET E 83 17.58 25.87 13.68
CA MET E 83 18.25 27.13 13.39
C MET E 83 19.70 26.91 12.94
N TRP E 84 20.18 27.78 12.07
CA TRP E 84 21.60 27.88 11.77
C TRP E 84 21.92 29.29 11.30
N ASP E 85 23.22 29.60 11.31
CA ASP E 85 23.75 30.87 10.82
C ASP E 85 24.15 30.68 9.35
N PRO E 86 23.49 31.38 8.40
CA PRO E 86 23.87 31.28 6.98
C PRO E 86 25.37 31.46 6.67
N ASN E 87 26.02 32.39 7.38
CA ASN E 87 27.48 32.65 7.23
C ASN E 87 28.34 31.42 7.48
N GLU E 88 27.94 30.58 8.44
CA GLU E 88 28.65 29.34 8.74
C GLU E 88 28.47 28.24 7.65
N TYR E 89 27.49 28.42 6.75
CA TYR E 89 27.12 27.37 5.78
C TYR E 89 26.88 27.95 4.38
N GLY E 90 27.90 28.61 3.85
CA GLY E 90 27.89 29.10 2.47
C GLY E 90 26.78 30.05 2.07
N ASN E 91 26.27 30.81 3.03
CA ASN E 91 25.11 31.73 2.83
C ASN E 91 23.75 31.06 2.55
N ILE E 92 23.64 29.76 2.81
CA ILE E 92 22.36 29.04 2.66
C ILE E 92 21.35 29.57 3.68
N THR E 93 20.25 30.14 3.18
CA THR E 93 19.16 30.62 4.03
C THR E 93 17.99 29.63 4.17
N ASP E 94 17.88 28.68 3.24
CA ASP E 94 16.87 27.62 3.32
C ASP E 94 17.21 26.39 2.48
N PHE E 95 16.58 25.28 2.80
CA PHE E 95 16.71 24.05 2.01
C PHE E 95 15.44 23.21 2.05
N ARG E 96 15.39 22.25 1.13
CA ARG E 96 14.29 21.32 1.01
C ARG E 96 14.75 19.99 1.52
N THR E 97 13.88 19.29 2.25
CA THR E 97 14.22 17.96 2.72
C THR E 97 12.96 17.10 2.86
N SER E 98 13.17 15.79 2.77
CA SER E 98 12.12 14.81 3.00
C SER E 98 11.48 15.04 4.37
N ALA E 99 10.16 14.96 4.42
CA ALA E 99 9.42 15.12 5.68
C ALA E 99 9.75 14.03 6.71
N ALA E 100 10.30 12.90 6.28
CA ALA E 100 10.77 11.85 7.18
C ALA E 100 12.01 12.26 7.99
N ASP E 101 12.81 13.16 7.45
CA ASP E 101 13.99 13.71 8.17
C ASP E 101 13.64 14.55 9.41
N ILE E 102 12.41 15.08 9.46
CA ILE E 102 12.00 15.99 10.54
C ILE E 102 10.72 15.55 11.21
N TRP E 103 10.46 16.09 12.39
CA TRP E 103 9.17 15.96 13.04
C TRP E 103 8.13 16.75 12.22
N THR E 104 6.92 16.21 12.15
CA THR E 104 5.78 16.90 11.57
C THR E 104 4.55 16.73 12.48
N PRO E 105 3.67 17.73 12.50
CA PRO E 105 2.49 17.62 13.35
C PRO E 105 1.46 16.61 12.81
N ASP E 106 0.69 16.04 13.73
CA ASP E 106 -0.33 15.01 13.46
C ASP E 106 -1.74 15.60 13.18
N ILE E 107 -1.80 16.59 12.29
CA ILE E 107 -3.04 17.29 11.98
C ILE E 107 -3.93 16.37 11.16
N THR E 108 -5.17 16.19 11.60
CA THR E 108 -6.05 15.14 11.08
C THR E 108 -7.46 15.71 10.97
N ALA E 109 -8.16 15.34 9.90
CA ALA E 109 -9.57 15.64 9.79
C ALA E 109 -10.31 14.79 10.81
N TYR E 110 -11.26 15.39 11.53
CA TYR E 110 -11.98 14.67 12.58
C TYR E 110 -13.10 13.79 12.05
N SER E 111 -13.61 14.09 10.86
CA SER E 111 -14.78 13.40 10.34
C SER E 111 -14.58 12.80 8.95
N SER E 112 -13.35 12.37 8.65
CA SER E 112 -13.09 11.64 7.42
C SER E 112 -13.80 10.29 7.46
N THR E 113 -14.13 9.79 6.28
CA THR E 113 -14.73 8.46 6.12
C THR E 113 -13.83 7.46 5.40
N ARG E 114 -12.71 7.93 4.86
CA ARG E 114 -11.70 7.08 4.14
C ARG E 114 -10.35 7.64 4.55
N PRO E 115 -9.30 6.81 4.49
CA PRO E 115 -7.98 7.41 4.73
C PRO E 115 -7.69 8.52 3.73
N VAL E 116 -7.15 9.62 4.23
CA VAL E 116 -6.79 10.74 3.40
C VAL E 116 -5.74 10.28 2.36
N GLN E 117 -5.89 10.71 1.12
CA GLN E 117 -4.95 10.33 0.07
C GLN E 117 -4.04 11.49 -0.24
N VAL E 118 -2.73 11.27 -0.19
CA VAL E 118 -1.73 12.28 -0.43
C VAL E 118 -1.39 12.36 -1.91
N LEU E 119 -1.44 13.57 -2.45
CA LEU E 119 -1.25 13.80 -3.88
C LEU E 119 0.09 14.44 -4.24
N SER E 120 0.85 14.84 -3.25
CA SER E 120 2.10 15.57 -3.47
C SER E 120 3.24 14.84 -2.77
N PRO E 121 4.50 15.09 -3.17
CA PRO E 121 5.62 14.42 -2.51
C PRO E 121 5.83 14.97 -1.10
N GLN E 122 6.29 14.10 -0.19
CA GLN E 122 6.41 14.48 1.22
C GLN E 122 7.77 15.17 1.44
N ILE E 123 7.82 16.45 1.09
CA ILE E 123 9.01 17.29 1.17
C ILE E 123 8.63 18.61 1.83
N ALA E 124 9.48 19.08 2.74
CA ALA E 124 9.28 20.33 3.47
C ALA E 124 10.41 21.31 3.17
N VAL E 125 10.13 22.59 3.41
CA VAL E 125 11.13 23.65 3.27
C VAL E 125 11.51 24.12 4.67
N VAL E 126 12.81 24.10 4.95
CA VAL E 126 13.34 24.54 6.24
C VAL E 126 14.15 25.83 6.04
N THR E 127 13.90 26.84 6.88
CA THR E 127 14.55 28.15 6.80
C THR E 127 15.49 28.34 7.99
N HIS E 128 16.54 29.16 7.81
CA HIS E 128 17.62 29.33 8.80
C HIS E 128 17.17 29.78 10.19
N ASP E 129 16.05 30.50 10.26
CA ASP E 129 15.42 30.83 11.55
C ASP E 129 14.72 29.65 12.25
N GLY E 130 14.83 28.44 11.69
CA GLY E 130 14.21 27.24 12.24
C GLY E 130 12.75 27.01 11.86
N SER E 131 12.21 27.84 10.97
CA SER E 131 10.83 27.71 10.55
C SER E 131 10.72 26.65 9.43
N VAL E 132 9.61 25.92 9.48
CA VAL E 132 9.36 24.83 8.55
C VAL E 132 8.04 25.13 7.86
N MET E 133 7.99 24.86 6.56
CA MET E 133 6.77 24.99 5.79
C MET E 133 6.58 23.64 5.12
N PHE E 134 5.39 23.04 5.32
CA PHE E 134 5.05 21.76 4.74
C PHE E 134 3.64 21.87 4.18
N ILE E 135 3.46 21.50 2.92
CA ILE E 135 2.18 21.75 2.23
C ILE E 135 1.68 20.53 1.44
N PRO E 136 1.18 19.51 2.16
CA PRO E 136 0.62 18.35 1.47
C PRO E 136 -0.69 18.62 0.73
N ALA E 137 -0.73 18.24 -0.54
CA ALA E 137 -1.97 18.19 -1.30
C ALA E 137 -2.69 16.90 -0.94
N GLN E 138 -3.99 16.97 -0.71
CA GLN E 138 -4.76 15.83 -0.22
C GLN E 138 -6.12 15.69 -0.91
N ARG E 139 -6.59 14.45 -1.06
CA ARG E 139 -7.98 14.18 -1.34
C ARG E 139 -8.65 13.54 -0.13
N LEU E 140 -9.76 14.14 0.30
CA LEU E 140 -10.44 13.78 1.54
C LEU E 140 -11.90 13.49 1.30
N SER E 141 -12.36 12.34 1.77
CA SER E 141 -13.81 12.04 1.86
C SER E 141 -14.23 12.29 3.32
N PHE E 142 -15.27 13.09 3.52
CA PHE E 142 -15.74 13.43 4.85
C PHE E 142 -17.26 13.46 4.95
N MET E 143 -17.77 13.43 6.17
CA MET E 143 -19.20 13.34 6.45
C MET E 143 -19.88 14.67 6.14
N CYS E 144 -20.81 14.63 5.19
CA CYS E 144 -21.52 15.80 4.72
C CYS E 144 -22.82 15.38 4.03
N ASP E 145 -23.94 15.91 4.54
CA ASP E 145 -25.25 15.76 3.90
C ASP E 145 -25.33 16.81 2.78
N PRO E 146 -25.36 16.37 1.50
CA PRO E 146 -25.39 17.29 0.38
C PRO E 146 -26.80 17.70 -0.10
N THR E 147 -27.84 17.32 0.64
CA THR E 147 -29.22 17.72 0.37
C THR E 147 -29.32 19.24 0.23
N GLY E 148 -29.78 19.69 -0.94
CA GLY E 148 -29.90 21.13 -1.24
C GLY E 148 -28.78 21.67 -2.11
N VAL E 149 -27.85 20.82 -2.53
CA VAL E 149 -26.73 21.22 -3.38
C VAL E 149 -27.19 21.69 -4.77
N ASP E 150 -28.28 21.09 -5.24
CA ASP E 150 -28.91 21.45 -6.53
C ASP E 150 -29.73 22.76 -6.51
N SER E 151 -29.97 23.31 -5.33
CA SER E 151 -30.66 24.58 -5.15
C SER E 151 -29.75 25.79 -5.31
N GLU E 152 -30.38 26.96 -5.36
CA GLU E 152 -29.69 28.22 -5.52
C GLU E 152 -28.98 28.63 -4.23
N GLU E 153 -29.60 28.35 -3.08
CA GLU E 153 -28.97 28.57 -1.78
C GLU E 153 -27.77 27.64 -1.56
N GLY E 154 -27.81 26.44 -2.15
CA GLY E 154 -26.72 25.48 -2.05
C GLY E 154 -26.74 24.77 -0.71
N VAL E 155 -25.58 24.22 -0.34
CA VAL E 155 -25.45 23.49 0.91
C VAL E 155 -24.15 23.88 1.61
N THR E 156 -24.18 23.81 2.94
CA THR E 156 -23.04 24.09 3.77
C THR E 156 -22.58 22.78 4.37
N CYS E 157 -21.27 22.54 4.29
CA CYS E 157 -20.64 21.43 4.99
C CYS E 157 -19.38 21.88 5.71
N ALA E 158 -19.05 21.11 6.75
CA ALA E 158 -17.96 21.50 7.65
C ALA E 158 -17.13 20.28 8.05
N VAL E 159 -15.84 20.53 8.25
CA VAL E 159 -14.93 19.48 8.75
C VAL E 159 -13.85 20.15 9.57
N LYS E 160 -13.63 19.61 10.77
CA LYS E 160 -12.62 20.11 11.68
C LYS E 160 -11.29 19.39 11.47
N PHE E 161 -10.21 20.16 11.54
CA PHE E 161 -8.85 19.65 11.51
C PHE E 161 -8.12 20.01 12.79
N GLY E 162 -7.46 19.03 13.39
CA GLY E 162 -6.64 19.29 14.55
C GLY E 162 -5.67 18.15 14.81
N SER E 163 -4.82 18.35 15.81
CA SER E 163 -3.95 17.31 16.28
C SER E 163 -4.79 16.13 16.78
N TRP E 164 -4.36 14.92 16.45
CA TRP E 164 -5.02 13.74 16.91
C TRP E 164 -4.81 13.52 18.42
N VAL E 165 -3.61 13.76 18.91
CA VAL E 165 -3.31 13.41 20.31
C VAL E 165 -2.65 14.51 21.16
N TYR E 166 -2.34 15.67 20.58
CA TYR E 166 -1.87 16.79 21.36
C TYR E 166 -3.04 17.71 21.68
N SER E 167 -3.18 18.06 22.95
CA SER E 167 -4.16 19.04 23.40
C SER E 167 -3.67 20.46 23.14
N GLY E 168 -4.53 21.42 23.44
CA GLY E 168 -4.20 22.84 23.43
C GLY E 168 -3.09 23.27 24.36
N PHE E 169 -2.77 22.45 25.38
CA PHE E 169 -1.61 22.68 26.23
C PHE E 169 -0.27 22.40 25.52
N GLU E 170 -0.28 21.55 24.49
CA GLU E 170 0.95 21.19 23.77
C GLU E 170 1.08 21.82 22.37
N ILE E 171 -0.03 21.88 21.64
CA ILE E 171 -0.05 22.48 20.31
C ILE E 171 -1.14 23.52 20.27
N ASP E 172 -0.75 24.74 19.90
CA ASP E 172 -1.72 25.77 19.61
C ASP E 172 -1.83 25.91 18.10
N LEU E 173 -3.04 25.83 17.58
CA LEU E 173 -3.29 26.03 16.18
C LEU E 173 -3.73 27.45 15.98
N LYS E 174 -3.23 28.06 14.91
CA LYS E 174 -3.81 29.30 14.45
C LYS E 174 -3.95 29.32 12.93
N THR E 175 -4.65 30.33 12.44
CA THR E 175 -4.76 30.61 11.02
C THR E 175 -4.18 32.01 10.83
N ASP E 176 -3.60 32.25 9.66
CA ASP E 176 -3.17 33.60 9.25
C ASP E 176 -4.39 34.39 8.76
N THR E 177 -5.45 33.69 8.36
CA THR E 177 -6.64 34.34 7.88
C THR E 177 -7.83 33.38 7.98
N ASP E 178 -9.04 33.95 8.07
CA ASP E 178 -10.26 33.18 8.13
C ASP E 178 -10.79 32.79 6.76
N GLN E 179 -10.23 33.37 5.71
CA GLN E 179 -10.61 33.05 4.33
C GLN E 179 -9.79 31.91 3.74
N VAL E 180 -10.48 30.89 3.27
CA VAL E 180 -9.86 29.80 2.52
C VAL E 180 -9.44 30.38 1.18
N ASP E 181 -8.23 30.07 0.74
CA ASP E 181 -7.75 30.53 -0.55
C ASP E 181 -8.51 29.77 -1.65
N LEU E 182 -9.25 30.53 -2.45
CA LEU E 182 -10.00 30.00 -3.58
C LEU E 182 -9.43 30.37 -4.93
N SER E 183 -8.26 30.99 -4.95
CA SER E 183 -7.66 31.44 -6.22
C SER E 183 -7.27 30.31 -7.17
N SER E 184 -7.03 29.11 -6.64
CA SER E 184 -6.73 27.93 -7.45
C SER E 184 -7.94 27.00 -7.60
N TYR E 185 -9.15 27.45 -7.26
CA TYR E 185 -10.30 26.60 -7.37
C TYR E 185 -10.57 26.29 -8.85
N TYR E 186 -10.88 25.03 -9.15
CA TYR E 186 -11.09 24.59 -10.51
C TYR E 186 -12.35 25.22 -11.12
N ALA E 187 -12.14 26.06 -12.13
CA ALA E 187 -13.20 26.85 -12.77
C ALA E 187 -14.33 26.02 -13.35
N SER E 188 -14.03 24.82 -13.85
CA SER E 188 -15.06 23.95 -14.43
C SER E 188 -15.44 22.76 -13.53
N SER E 189 -15.28 22.92 -12.22
CA SER E 189 -15.80 21.92 -11.27
C SER E 189 -17.31 21.76 -11.45
N LYS E 190 -17.83 20.59 -11.10
CA LYS E 190 -19.29 20.42 -11.04
C LYS E 190 -19.93 21.30 -9.98
N TYR E 191 -19.14 21.74 -9.00
CA TYR E 191 -19.67 22.54 -7.90
C TYR E 191 -18.99 23.88 -7.83
N GLU E 192 -19.78 24.93 -7.64
CA GLU E 192 -19.24 26.27 -7.43
C GLU E 192 -19.29 26.62 -5.95
N ILE E 193 -18.28 27.37 -5.53
CA ILE E 193 -18.11 27.75 -4.14
C ILE E 193 -18.76 29.09 -3.90
N LEU E 194 -19.66 29.13 -2.92
CA LEU E 194 -20.32 30.35 -2.48
C LEU E 194 -19.54 31.01 -1.35
N SER E 195 -18.99 30.20 -0.44
CA SER E 195 -18.06 30.69 0.57
C SER E 195 -17.22 29.56 1.15
N ALA E 196 -16.06 29.92 1.68
CA ALA E 196 -15.19 28.95 2.32
C ALA E 196 -14.35 29.64 3.37
N THR E 197 -14.55 29.23 4.62
CA THR E 197 -13.87 29.84 5.75
C THR E 197 -13.13 28.80 6.59
N GLN E 198 -12.11 29.27 7.29
CA GLN E 198 -11.28 28.42 8.14
C GLN E 198 -11.10 29.14 9.48
N THR E 199 -11.68 28.56 10.53
CA THR E 199 -11.80 29.25 11.82
C THR E 199 -11.30 28.42 12.98
N ARG E 200 -10.36 28.99 13.73
CA ARG E 200 -9.90 28.41 14.99
C ARG E 200 -11.04 28.26 15.99
N GLN E 201 -11.12 27.08 16.62
CA GLN E 201 -12.10 26.79 17.65
C GLN E 201 -11.39 26.14 18.82
N VAL E 202 -11.82 26.48 20.03
CA VAL E 202 -11.41 25.78 21.23
C VAL E 202 -12.56 24.92 21.67
N GLN E 203 -12.26 23.70 22.10
CA GLN E 203 -13.27 22.69 22.34
C GLN E 203 -12.93 21.96 23.63
N HIS E 204 -13.97 21.60 24.39
CA HIS E 204 -13.86 20.58 25.42
C HIS E 204 -14.75 19.40 25.08
N TYR E 205 -14.38 18.25 25.62
CA TYR E 205 -15.08 17.00 25.39
C TYR E 205 -15.39 16.38 26.73
N SER E 206 -16.48 15.62 26.80
CA SER E 206 -16.86 14.85 28.01
C SER E 206 -15.75 13.92 28.52
N CYS E 207 -15.09 13.22 27.58
CA CYS E 207 -13.93 12.36 27.84
C CYS E 207 -12.82 12.97 28.69
N CYS E 208 -12.47 14.21 28.35
CA CYS E 208 -11.14 14.74 28.60
C CYS E 208 -11.18 16.07 29.33
N PRO E 209 -10.31 16.28 30.32
CA PRO E 209 -10.21 17.58 31.02
C PRO E 209 -9.55 18.73 30.23
N GLU E 210 -8.65 18.39 29.32
CA GLU E 210 -7.80 19.41 28.64
C GLU E 210 -8.52 19.94 27.40
N PRO E 211 -8.28 21.21 27.03
CA PRO E 211 -8.93 21.76 25.83
C PRO E 211 -8.24 21.27 24.55
N TYR E 212 -9.00 21.16 23.47
CA TYR E 212 -8.49 20.78 22.18
C TYR E 212 -8.76 21.90 21.20
N ILE E 213 -7.76 22.19 20.35
CA ILE E 213 -7.88 23.22 19.33
C ILE E 213 -8.08 22.56 17.98
N ASP E 214 -8.99 23.10 17.20
CA ASP E 214 -9.17 22.69 15.81
C ASP E 214 -9.37 23.91 14.94
N VAL E 215 -9.21 23.69 13.64
CA VAL E 215 -9.60 24.67 12.62
C VAL E 215 -10.77 24.07 11.88
N ASN E 216 -11.88 24.81 11.84
CA ASN E 216 -13.13 24.36 11.23
C ASN E 216 -13.19 24.91 9.83
N LEU E 217 -13.16 24.00 8.86
CA LEU E 217 -13.24 24.34 7.46
C LEU E 217 -14.71 24.24 7.10
N VAL E 218 -15.30 25.38 6.73
CA VAL E 218 -16.74 25.45 6.43
C VAL E 218 -16.86 25.91 4.99
N VAL E 219 -17.53 25.09 4.18
CA VAL E 219 -17.64 25.31 2.75
C VAL E 219 -19.13 25.31 2.35
N LYS E 220 -19.55 26.40 1.71
CA LYS E 220 -20.89 26.52 1.17
C LYS E 220 -20.77 26.39 -0.34
N PHE E 221 -21.50 25.47 -0.94
CA PHE E 221 -21.37 25.22 -2.36
C PHE E 221 -22.67 24.76 -3.00
N ARG E 222 -22.69 24.74 -4.34
CA ARG E 222 -23.83 24.22 -5.08
C ARG E 222 -23.43 23.77 -6.46
N GLU E 223 -24.32 23.03 -7.12
CA GLU E 223 -24.12 22.64 -8.52
C GLU E 223 -24.11 23.84 -9.45
N ARG E 224 -23.92 23.59 -10.74
CA ARG E 224 -24.37 24.56 -11.82
C ARG E 224 -25.84 24.43 -12.17
#